data_6WJG
#
_entry.id   6WJG
#
loop_
_entity.id
_entity.type
_entity.pdbx_description
1 polymer 'DnaJ homolog subfamily B member 1, cAMP-dependent protein kinase catalytic subunit alpha fusion'
2 polymer 'cAMP-dependent protein kinase type II-beta regulatory subunit'
#
loop_
_entity_poly.entity_id
_entity_poly.type
_entity_poly.pdbx_seq_one_letter_code
_entity_poly.pdbx_strand_id
1 'polypeptide(L)'
;GKDYYQTLGLARGASDEEIKRAYRRQALRYHPDKNKEPGAEEKFKEIAEAYDVLSDPRKREIFDRYGEEVKEFLAKAKED
FLKKWESPAQNTAHLDQFERIKTLGTGSFGRVMLVKHKETGNHYAMKILDKQKVVKLKQIEHTLNEKRILQAVNFPFLVK
LEFSFKDNSNLYMVMEYVPGGEMFSHLRRIGRFSEPHARFYAAQIVLTFEYLHSLDLIYRDLKPENLLIDQQGYIQVTDF
GFAKRVKGRTWTLCGTPEYLAPEIILSKGYNKGVDWWALGVLIYEMAAGYPPFFADQPIQIYEKIVSGKVRFPSHFSSDL
KDLLRNLLQVDLTKRFGNLKNGVNDIKNHKWFATTDWIAIYQRKVEAPFIPKFKGPGDTSNFDDYEEEEIRVSINEKCGK
EFSEF
;
A,B
2 'polypeptide(L)'
;MSIEIPAGLTELLQGFTVEVLRHQPADLLEFALQHFTRLQQENERKGAARFGHEGRTWGDAGAAAGGGTPSKGVNFAEEP
MRSDSENGEEEEAAEAGAFNAPVINRFTRRASVCAEAYNPDEEEDDAESRIIHPKTDDQRNRLQEACKDILLFKNLDPEQ
MSQVLDAMFEKLVKEGEHVIDQGDDGDNFYVIDRGTFDIYVKCDGVGRCVGNYDNRGSFGELALMYNTPRAATITATSPG
ALWGLDRVTFRRIIVKNNAKKRKMYESFIESLPFLKSLEVSERLKVVDVIGTKVYNDGEQIIAQGDSADSFFIVESGEVR
ITMKRKGKSDIEENGAVEIARCLRGQYFGELALVTNKPRAASAHAIGTVKCLAMDVQAFERLLGPCMEIMKRNIATYEEQ
LVALFGTNMDIVEPTA
;
C,D
#
# COMPACT_ATOMS: atom_id res chain seq x y z
N ASP A 96 -31.10 6.62 -28.53
CA ASP A 96 -31.72 5.38 -28.98
C ASP A 96 -31.00 4.85 -30.22
N GLN A 97 -29.78 4.35 -30.05
CA GLN A 97 -29.01 3.83 -31.16
C GLN A 97 -28.04 2.75 -30.69
N PHE A 98 -27.24 3.08 -29.67
CA PHE A 98 -26.25 2.17 -29.11
C PHE A 98 -26.74 1.68 -27.75
N GLU A 99 -26.72 0.36 -27.56
CA GLU A 99 -27.12 -0.27 -26.31
C GLU A 99 -25.89 -0.76 -25.58
N ARG A 100 -25.80 -0.47 -24.28
CA ARG A 100 -24.65 -0.88 -23.49
C ARG A 100 -24.71 -2.37 -23.19
N ILE A 101 -23.55 -2.93 -22.84
CA ILE A 101 -23.45 -4.34 -22.50
C ILE A 101 -22.92 -4.48 -21.08
N LYS A 102 -21.63 -4.19 -20.89
CA LYS A 102 -21.00 -4.27 -19.58
C LYS A 102 -20.04 -3.09 -19.43
N THR A 103 -19.49 -2.95 -18.23
CA THR A 103 -18.58 -1.86 -17.91
C THR A 103 -17.15 -2.29 -18.18
N LEU A 104 -16.34 -1.34 -18.66
CA LEU A 104 -14.92 -1.58 -18.93
C LEU A 104 -13.99 -0.91 -17.93
N GLY A 105 -14.37 0.25 -17.40
CA GLY A 105 -13.54 0.90 -16.39
C GLY A 105 -13.96 2.32 -16.08
N THR A 106 -14.14 2.63 -14.79
CA THR A 106 -14.53 3.96 -14.35
C THR A 106 -13.38 4.63 -13.64
N GLY A 107 -13.37 5.96 -13.67
CA GLY A 107 -12.33 6.72 -13.00
C GLY A 107 -12.84 8.02 -12.41
N SER A 108 -11.93 8.95 -12.14
CA SER A 108 -12.27 10.25 -11.58
C SER A 108 -12.65 11.28 -12.65
N PHE A 109 -13.14 10.83 -13.80
CA PHE A 109 -13.52 11.73 -14.88
C PHE A 109 -14.67 11.14 -15.69
N GLY A 110 -14.55 9.87 -16.04
CA GLY A 110 -15.58 9.21 -16.83
C GLY A 110 -15.52 7.71 -16.69
N ARG A 111 -16.44 7.04 -17.38
CA ARG A 111 -16.54 5.59 -17.35
C ARG A 111 -16.61 5.08 -18.78
N VAL A 112 -15.64 4.24 -19.15
CA VAL A 112 -15.63 3.60 -20.46
C VAL A 112 -16.35 2.27 -20.35
N MET A 113 -17.26 2.01 -21.29
CA MET A 113 -18.05 0.79 -21.31
C MET A 113 -18.14 0.29 -22.74
N LEU A 114 -18.69 -0.92 -22.89
CA LEU A 114 -18.87 -1.53 -24.19
C LEU A 114 -20.31 -1.33 -24.66
N VAL A 115 -20.48 -1.01 -25.94
CA VAL A 115 -21.78 -0.76 -26.52
C VAL A 115 -21.87 -1.49 -27.87
N LYS A 116 -23.11 -1.67 -28.33
CA LYS A 116 -23.37 -2.32 -29.60
C LYS A 116 -24.45 -1.54 -30.34
N HIS A 117 -24.27 -1.39 -31.65
CA HIS A 117 -25.22 -0.66 -32.46
C HIS A 117 -26.47 -1.50 -32.71
N LYS A 118 -27.63 -0.83 -32.69
CA LYS A 118 -28.89 -1.52 -32.91
C LYS A 118 -29.18 -1.74 -34.39
N GLU A 119 -28.54 -0.99 -35.28
CA GLU A 119 -28.77 -1.13 -36.71
C GLU A 119 -27.90 -2.23 -37.30
N THR A 120 -26.61 -1.94 -37.49
CA THR A 120 -25.69 -2.93 -38.06
C THR A 120 -25.30 -3.96 -37.02
N GLY A 121 -24.76 -3.52 -35.89
CA GLY A 121 -24.33 -4.42 -34.84
C GLY A 121 -22.84 -4.63 -34.80
N ASN A 122 -22.14 -3.81 -34.00
CA ASN A 122 -20.70 -3.91 -33.88
C ASN A 122 -20.28 -3.40 -32.50
N HIS A 123 -19.39 -4.14 -31.86
CA HIS A 123 -18.92 -3.75 -30.53
C HIS A 123 -18.02 -2.53 -30.62
N TYR A 124 -18.26 -1.57 -29.72
CA TYR A 124 -17.48 -0.35 -29.69
C TYR A 124 -17.37 0.12 -28.24
N ALA A 125 -16.53 1.14 -28.03
CA ALA A 125 -16.32 1.72 -26.72
C ALA A 125 -17.07 3.04 -26.61
N MET A 126 -17.59 3.31 -25.40
CA MET A 126 -18.34 4.53 -25.14
C MET A 126 -17.94 5.08 -23.79
N LYS A 127 -17.53 6.35 -23.77
CA LYS A 127 -17.19 7.05 -22.53
C LYS A 127 -18.39 7.86 -22.08
N ILE A 128 -18.80 7.65 -20.83
CA ILE A 128 -19.94 8.35 -20.24
C ILE A 128 -19.42 9.23 -19.11
N LEU A 129 -19.94 10.46 -19.04
CA LEU A 129 -19.57 11.42 -18.03
C LEU A 129 -20.81 12.03 -17.41
N ASP A 130 -20.71 12.38 -16.13
CA ASP A 130 -21.81 12.98 -15.38
C ASP A 130 -21.46 14.43 -15.05
N LYS A 131 -22.35 15.34 -15.39
CA LYS A 131 -22.13 16.76 -15.11
C LYS A 131 -22.22 17.11 -13.64
N GLN A 132 -22.69 16.17 -12.80
CA GLN A 132 -22.79 16.46 -11.37
C GLN A 132 -21.43 16.76 -10.77
N LYS A 133 -20.40 16.00 -11.18
CA LYS A 133 -19.06 16.23 -10.67
C LYS A 133 -18.34 17.37 -11.37
N VAL A 134 -18.78 17.74 -12.59
CA VAL A 134 -18.14 18.83 -13.31
C VAL A 134 -18.68 20.18 -12.85
N VAL A 135 -19.94 20.24 -12.45
CA VAL A 135 -20.52 21.50 -12.01
C VAL A 135 -19.84 21.98 -10.73
N LYS A 136 -19.50 21.05 -9.83
CA LYS A 136 -18.84 21.42 -8.59
C LYS A 136 -17.41 21.89 -8.84
N LEU A 137 -16.73 21.26 -9.79
CA LEU A 137 -15.35 21.63 -10.12
C LEU A 137 -15.26 22.68 -11.21
N LYS A 138 -16.31 22.84 -12.02
CA LYS A 138 -16.31 23.83 -13.09
C LYS A 138 -15.13 23.59 -14.03
N GLN A 139 -15.32 22.72 -15.02
CA GLN A 139 -14.28 22.39 -15.99
C GLN A 139 -14.89 22.38 -17.40
N ILE A 140 -15.49 23.51 -17.77
CA ILE A 140 -16.11 23.61 -19.09
C ILE A 140 -15.07 23.94 -20.15
N GLU A 141 -13.98 24.63 -19.78
CA GLU A 141 -12.95 24.96 -20.76
C GLU A 141 -12.29 23.71 -21.30
N HIS A 142 -12.02 22.73 -20.42
CA HIS A 142 -11.39 21.49 -20.88
C HIS A 142 -12.34 20.66 -21.72
N THR A 143 -13.63 20.71 -21.44
CA THR A 143 -14.60 19.94 -22.21
C THR A 143 -14.90 20.58 -23.56
N LEU A 144 -14.80 21.91 -23.65
CA LEU A 144 -15.06 22.58 -24.92
C LEU A 144 -14.03 22.23 -25.97
N ASN A 145 -12.81 21.86 -25.56
CA ASN A 145 -11.77 21.51 -26.52
C ASN A 145 -12.13 20.24 -27.29
N GLU A 146 -12.89 19.34 -26.68
CA GLU A 146 -13.28 18.10 -27.37
C GLU A 146 -14.20 18.39 -28.54
N LYS A 147 -15.05 19.42 -28.43
CA LYS A 147 -15.96 19.74 -29.52
C LYS A 147 -15.19 20.02 -30.81
N ARG A 148 -14.02 20.65 -30.70
CA ARG A 148 -13.20 20.93 -31.87
C ARG A 148 -12.23 19.81 -32.18
N ILE A 149 -11.77 19.07 -31.17
CA ILE A 149 -10.87 17.94 -31.43
C ILE A 149 -11.61 16.84 -32.18
N LEU A 150 -12.94 16.77 -32.03
CA LEU A 150 -13.71 15.78 -32.77
C LEU A 150 -13.48 15.91 -34.27
N GLN A 151 -13.34 17.15 -34.75
CA GLN A 151 -13.09 17.41 -36.17
C GLN A 151 -11.62 17.54 -36.50
N ALA A 152 -10.81 18.06 -35.57
CA ALA A 152 -9.38 18.24 -35.81
C ALA A 152 -8.66 16.89 -35.80
N VAL A 153 -8.89 16.08 -36.82
CA VAL A 153 -8.24 14.77 -36.92
C VAL A 153 -7.95 14.48 -38.39
N ASN A 154 -6.67 14.41 -38.74
CA ASN A 154 -6.25 14.16 -40.12
C ASN A 154 -4.94 13.39 -40.12
N PHE A 155 -4.86 12.35 -39.28
CA PHE A 155 -3.65 11.52 -39.19
C PHE A 155 -4.07 10.16 -38.68
N PRO A 156 -3.26 9.11 -38.94
CA PRO A 156 -3.63 7.79 -38.41
C PRO A 156 -3.60 7.69 -36.91
N PHE A 157 -2.58 8.28 -36.26
CA PHE A 157 -2.49 8.20 -34.81
C PHE A 157 -3.67 8.88 -34.14
N LEU A 158 -4.10 10.03 -34.67
CA LEU A 158 -5.23 10.76 -34.11
C LEU A 158 -6.49 9.92 -34.22
N VAL A 159 -6.98 9.41 -33.08
CA VAL A 159 -8.19 8.59 -33.08
C VAL A 159 -9.36 9.45 -33.53
N LYS A 160 -10.02 9.04 -34.61
CA LYS A 160 -11.17 9.75 -35.15
C LYS A 160 -12.38 9.47 -34.26
N LEU A 161 -12.60 10.36 -33.29
CA LEU A 161 -13.73 10.20 -32.38
C LEU A 161 -15.05 10.32 -33.14
N GLU A 162 -16.08 9.70 -32.57
CA GLU A 162 -17.41 9.73 -33.15
C GLU A 162 -18.20 10.91 -32.60
N PHE A 163 -19.44 11.06 -33.05
CA PHE A 163 -20.29 12.15 -32.60
C PHE A 163 -20.74 11.92 -31.16
N SER A 164 -20.66 12.96 -30.35
CA SER A 164 -21.05 12.90 -28.96
C SER A 164 -22.53 13.22 -28.80
N PHE A 165 -23.06 13.00 -27.61
CA PHE A 165 -24.47 13.26 -27.31
C PHE A 165 -24.60 13.73 -25.87
N LYS A 166 -25.16 14.92 -25.70
CA LYS A 166 -25.38 15.49 -24.37
C LYS A 166 -26.83 15.30 -23.97
N ASP A 167 -27.04 14.81 -22.75
CA ASP A 167 -28.37 14.56 -22.20
C ASP A 167 -28.70 15.61 -21.14
N ASN A 168 -29.78 15.36 -20.40
CA ASN A 168 -30.19 16.31 -19.37
C ASN A 168 -29.19 16.35 -18.22
N SER A 169 -28.50 15.24 -17.96
CA SER A 169 -27.53 15.17 -16.86
C SER A 169 -26.50 14.08 -17.12
N ASN A 170 -26.09 13.93 -18.37
CA ASN A 170 -25.10 12.92 -18.73
C ASN A 170 -24.66 13.16 -20.17
N LEU A 171 -23.39 12.86 -20.44
CA LEU A 171 -22.81 13.00 -21.76
C LEU A 171 -22.20 11.67 -22.19
N TYR A 172 -22.35 11.34 -23.46
CA TYR A 172 -21.84 10.10 -24.02
C TYR A 172 -20.99 10.41 -25.24
N MET A 173 -19.90 9.65 -25.42
CA MET A 173 -19.01 9.82 -26.56
C MET A 173 -18.54 8.46 -27.02
N VAL A 174 -18.88 8.08 -28.25
CA VAL A 174 -18.48 6.79 -28.81
C VAL A 174 -17.12 6.94 -29.46
N MET A 175 -16.33 5.87 -29.42
CA MET A 175 -15.00 5.85 -30.01
C MET A 175 -14.76 4.48 -30.63
N GLU A 176 -13.57 4.31 -31.21
CA GLU A 176 -13.22 3.04 -31.84
C GLU A 176 -13.05 1.95 -30.79
N TYR A 177 -13.10 0.71 -31.26
CA TYR A 177 -12.95 -0.45 -30.39
C TYR A 177 -11.49 -0.86 -30.30
N VAL A 178 -11.11 -1.36 -29.13
CA VAL A 178 -9.73 -1.80 -28.88
C VAL A 178 -9.77 -3.24 -28.41
N PRO A 179 -9.79 -4.22 -29.32
CA PRO A 179 -9.77 -5.63 -28.89
C PRO A 179 -8.57 -6.00 -28.04
N GLY A 180 -7.45 -5.31 -28.22
CA GLY A 180 -6.25 -5.61 -27.44
C GLY A 180 -6.36 -5.17 -26.00
N GLY A 181 -5.33 -4.49 -25.51
CA GLY A 181 -5.33 -4.01 -24.13
C GLY A 181 -4.44 -2.81 -23.93
N GLU A 182 -4.18 -2.47 -22.67
CA GLU A 182 -3.35 -1.32 -22.34
C GLU A 182 -1.89 -1.74 -22.17
N MET A 183 -0.99 -0.78 -22.32
CA MET A 183 0.43 -1.05 -22.16
C MET A 183 0.83 -1.16 -20.69
N PHE A 184 0.11 -0.47 -19.80
CA PHE A 184 0.45 -0.54 -18.38
C PHE A 184 0.26 -1.95 -17.84
N SER A 185 -0.81 -2.64 -18.25
CA SER A 185 -1.04 -4.00 -17.80
C SER A 185 0.07 -4.93 -18.29
N HIS A 186 0.45 -4.81 -19.56
CA HIS A 186 1.52 -5.65 -20.09
C HIS A 186 2.84 -5.37 -19.37
N LEU A 187 3.13 -4.10 -19.08
CA LEU A 187 4.35 -3.77 -18.37
C LEU A 187 4.35 -4.36 -16.97
N ARG A 188 3.22 -4.25 -16.26
CA ARG A 188 3.13 -4.81 -14.92
C ARG A 188 3.24 -6.33 -14.94
N ARG A 189 2.73 -6.96 -16.01
CA ARG A 189 2.82 -8.41 -16.10
C ARG A 189 4.25 -8.86 -16.37
N ILE A 190 4.93 -8.19 -17.31
CA ILE A 190 6.30 -8.55 -17.65
C ILE A 190 7.26 -7.80 -16.74
N GLY A 191 7.31 -6.48 -16.88
CA GLY A 191 8.19 -5.66 -16.07
C GLY A 191 9.57 -5.44 -16.65
N ARG A 192 9.85 -5.94 -17.85
CA ARG A 192 11.16 -5.76 -18.46
C ARG A 192 11.11 -6.13 -19.94
N PHE A 193 11.14 -5.11 -20.79
CA PHE A 193 11.08 -5.34 -22.23
C PHE A 193 12.49 -5.62 -22.78
N SER A 194 12.51 -6.18 -23.99
CA SER A 194 13.77 -6.51 -24.65
C SER A 194 14.28 -5.28 -25.40
N GLU A 195 15.26 -5.48 -26.27
CA GLU A 195 15.85 -4.40 -27.03
C GLU A 195 14.96 -4.00 -28.19
N PRO A 196 14.51 -4.95 -29.03
CA PRO A 196 13.58 -4.59 -30.11
C PRO A 196 12.30 -3.93 -29.64
N HIS A 197 11.68 -4.47 -28.58
CA HIS A 197 10.44 -3.89 -28.08
C HIS A 197 10.68 -2.48 -27.56
N ALA A 198 11.76 -2.27 -26.81
CA ALA A 198 12.06 -0.94 -26.30
C ALA A 198 12.33 0.04 -27.43
N ARG A 199 13.05 -0.40 -28.46
CA ARG A 199 13.31 0.47 -29.61
C ARG A 199 12.02 0.84 -30.32
N PHE A 200 11.12 -0.14 -30.52
CA PHE A 200 9.85 0.14 -31.17
C PHE A 200 9.02 1.12 -30.34
N TYR A 201 9.00 0.93 -29.01
CA TYR A 201 8.24 1.84 -28.16
C TYR A 201 8.81 3.25 -28.22
N ALA A 202 10.14 3.37 -28.20
CA ALA A 202 10.76 4.70 -28.29
C ALA A 202 10.45 5.35 -29.63
N ALA A 203 10.49 4.57 -30.71
CA ALA A 203 10.18 5.11 -32.03
C ALA A 203 8.73 5.60 -32.09
N GLN A 204 7.80 4.81 -31.54
CA GLN A 204 6.41 5.22 -31.54
C GLN A 204 6.21 6.47 -30.69
N ILE A 205 6.91 6.55 -29.56
CA ILE A 205 6.81 7.73 -28.70
C ILE A 205 7.30 8.96 -29.45
N VAL A 206 8.45 8.84 -30.12
CA VAL A 206 8.99 9.97 -30.87
C VAL A 206 8.03 10.36 -31.98
N LEU A 207 7.43 9.38 -32.66
CA LEU A 207 6.52 9.68 -33.75
C LEU A 207 5.29 10.42 -33.26
N THR A 208 4.68 9.94 -32.18
CA THR A 208 3.49 10.62 -31.66
C THR A 208 3.84 12.00 -31.11
N PHE A 209 5.02 12.16 -30.51
CA PHE A 209 5.42 13.48 -30.03
C PHE A 209 5.60 14.44 -31.18
N GLU A 210 6.24 14.01 -32.27
CA GLU A 210 6.40 14.86 -33.43
C GLU A 210 5.04 15.20 -34.03
N TYR A 211 4.13 14.23 -34.08
CA TYR A 211 2.80 14.49 -34.62
C TYR A 211 2.07 15.53 -33.78
N LEU A 212 2.16 15.42 -32.45
CA LEU A 212 1.49 16.38 -31.58
C LEU A 212 2.14 17.76 -31.66
N HIS A 213 3.45 17.82 -31.86
CA HIS A 213 4.14 19.10 -31.95
C HIS A 213 3.92 19.79 -33.29
N SER A 214 3.68 19.02 -34.36
CA SER A 214 3.45 19.61 -35.66
C SER A 214 2.25 20.54 -35.63
N LEU A 215 1.20 20.16 -34.91
CA LEU A 215 -0.01 20.97 -34.80
C LEU A 215 0.06 21.97 -33.64
N ASP A 216 1.13 21.94 -32.85
CA ASP A 216 1.27 22.87 -31.72
C ASP A 216 0.14 22.69 -30.71
N LEU A 217 -0.29 21.44 -30.52
CA LEU A 217 -1.35 21.10 -29.59
C LEU A 217 -0.73 20.52 -28.32
N ILE A 218 -0.86 21.24 -27.20
CA ILE A 218 -0.31 20.77 -25.93
C ILE A 218 -1.07 19.51 -25.54
N TYR A 219 -0.33 18.46 -25.25
CA TYR A 219 -0.94 17.21 -24.81
C TYR A 219 -1.59 17.33 -23.45
N ARG A 220 -0.88 18.01 -22.54
CA ARG A 220 -1.29 18.30 -21.14
C ARG A 220 -1.42 17.07 -20.24
N ASP A 221 -2.40 16.21 -20.52
CA ASP A 221 -2.58 14.98 -19.76
C ASP A 221 -1.53 13.96 -20.17
N LEU A 222 -1.13 13.11 -19.23
CA LEU A 222 -0.15 12.07 -19.51
C LEU A 222 -0.12 11.05 -18.37
N LYS A 223 -0.37 9.79 -18.70
CA LYS A 223 -0.37 8.72 -17.72
C LYS A 223 -0.29 7.39 -18.45
N PRO A 224 0.09 6.31 -17.77
CA PRO A 224 0.14 5.01 -18.45
C PRO A 224 -1.17 4.57 -19.06
N GLU A 225 -2.30 5.01 -18.49
CA GLU A 225 -3.60 4.61 -19.02
C GLU A 225 -3.86 5.20 -20.40
N ASN A 226 -3.18 6.28 -20.76
CA ASN A 226 -3.37 6.93 -22.06
C ASN A 226 -2.49 6.29 -23.13
N LEU A 227 -2.60 4.96 -23.28
CA LEU A 227 -1.82 4.24 -24.27
C LEU A 227 -2.47 2.86 -24.45
N LEU A 228 -3.28 2.73 -25.49
CA LEU A 228 -3.97 1.49 -25.79
C LEU A 228 -3.33 0.79 -26.98
N ILE A 229 -3.42 -0.54 -26.98
CA ILE A 229 -2.86 -1.37 -28.03
C ILE A 229 -4.02 -1.93 -28.85
N ASP A 230 -4.13 -1.52 -30.10
CA ASP A 230 -5.19 -1.99 -30.97
C ASP A 230 -4.83 -3.35 -31.56
N GLN A 231 -5.87 -4.05 -32.04
CA GLN A 231 -5.67 -5.37 -32.63
C GLN A 231 -4.83 -5.33 -33.88
N GLN A 232 -4.73 -4.16 -34.54
CA GLN A 232 -3.93 -4.04 -35.75
C GLN A 232 -2.44 -4.02 -35.47
N GLY A 233 -2.03 -3.97 -34.20
CA GLY A 233 -0.62 -3.95 -33.86
C GLY A 233 -0.04 -2.56 -33.87
N TYR A 234 -0.73 -1.61 -33.26
CA TYR A 234 -0.29 -0.22 -33.18
C TYR A 234 -0.60 0.32 -31.80
N ILE A 235 -0.32 1.60 -31.60
CA ILE A 235 -0.55 2.29 -30.34
C ILE A 235 -1.49 3.46 -30.59
N GLN A 236 -2.41 3.69 -29.65
CA GLN A 236 -3.38 4.77 -29.75
C GLN A 236 -3.45 5.52 -28.42
N VAL A 237 -3.80 6.79 -28.50
CA VAL A 237 -3.92 7.65 -27.34
C VAL A 237 -5.39 7.95 -27.10
N THR A 238 -5.76 8.10 -25.83
CA THR A 238 -7.12 8.39 -25.42
C THR A 238 -7.13 9.61 -24.53
N ASP A 239 -8.33 10.13 -24.26
CA ASP A 239 -8.51 11.30 -23.41
C ASP A 239 -7.78 12.50 -24.01
N PHE A 240 -8.48 13.26 -24.85
CA PHE A 240 -7.91 14.44 -25.50
C PHE A 240 -8.55 15.74 -25.02
N GLY A 241 -9.50 15.68 -24.09
CA GLY A 241 -10.15 16.89 -23.62
C GLY A 241 -9.18 17.86 -22.95
N PHE A 242 -8.12 17.33 -22.34
CA PHE A 242 -7.14 18.20 -21.68
C PHE A 242 -6.32 19.01 -22.68
N ALA A 243 -6.31 18.62 -23.95
CA ALA A 243 -5.55 19.36 -24.95
C ALA A 243 -6.12 20.76 -25.12
N LYS A 244 -5.23 21.72 -25.38
CA LYS A 244 -5.64 23.12 -25.57
C LYS A 244 -4.45 23.90 -26.09
N ARG A 245 -4.72 24.87 -26.96
CA ARG A 245 -3.69 25.72 -27.56
C ARG A 245 -4.06 27.17 -27.30
N VAL A 246 -3.30 27.83 -26.43
CA VAL A 246 -3.51 29.22 -26.07
C VAL A 246 -2.24 30.00 -26.38
N LYS A 247 -2.40 31.25 -26.82
CA LYS A 247 -1.24 32.07 -27.14
C LYS A 247 -0.40 32.34 -25.89
N GLY A 248 -1.04 32.78 -24.81
CA GLY A 248 -0.35 33.05 -23.57
C GLY A 248 -0.03 31.79 -22.80
N ARG A 249 0.35 31.98 -21.55
CA ARG A 249 0.69 30.88 -20.66
C ARG A 249 -0.59 30.24 -20.11
N THR A 250 -0.45 29.40 -19.10
CA THR A 250 -1.59 28.73 -18.50
C THR A 250 -1.25 28.38 -17.05
N TRP A 251 -2.26 27.93 -16.32
CA TRP A 251 -2.06 27.56 -14.92
C TRP A 251 -2.92 26.39 -14.48
N THR A 252 -3.72 25.78 -15.35
CA THR A 252 -4.55 24.65 -14.97
C THR A 252 -3.70 23.42 -14.71
N LEU A 253 -3.30 23.22 -13.45
CA LEU A 253 -2.48 22.08 -13.07
C LEU A 253 -3.36 20.84 -12.95
N CYS A 254 -3.23 19.93 -13.90
CA CYS A 254 -4.02 18.70 -13.89
C CYS A 254 -3.55 17.75 -14.98
N GLY A 255 -3.05 16.58 -14.57
CA GLY A 255 -2.57 15.59 -15.51
C GLY A 255 -1.53 14.68 -14.92
N THR A 256 -0.36 15.23 -14.60
CA THR A 256 0.74 14.45 -14.04
C THR A 256 0.99 14.87 -12.60
N PRO A 257 0.17 14.43 -11.64
CA PRO A 257 0.41 14.82 -10.24
C PRO A 257 1.67 14.21 -9.66
N GLU A 258 1.96 12.95 -9.98
CA GLU A 258 3.15 12.30 -9.46
C GLU A 258 4.40 12.66 -10.27
N TYR A 259 4.34 12.43 -11.58
CA TYR A 259 5.47 12.72 -12.47
C TYR A 259 5.44 14.19 -12.89
N LEU A 260 5.61 15.06 -11.90
CA LEU A 260 5.61 16.50 -12.09
C LEU A 260 7.03 17.03 -11.92
N ALA A 261 7.53 17.72 -12.94
CA ALA A 261 8.88 18.27 -12.88
C ALA A 261 8.96 19.34 -11.78
N PRO A 262 10.16 19.58 -11.25
CA PRO A 262 10.30 20.60 -10.19
C PRO A 262 10.05 22.02 -10.65
N GLU A 263 9.87 22.25 -11.96
CA GLU A 263 9.62 23.59 -12.46
C GLU A 263 8.17 24.01 -12.31
N ILE A 264 7.25 23.05 -12.23
CA ILE A 264 5.82 23.36 -12.09
C ILE A 264 5.31 23.18 -10.66
N ILE A 265 6.02 22.42 -9.82
CA ILE A 265 5.57 22.21 -8.45
C ILE A 265 5.49 23.53 -7.70
N LEU A 266 6.29 24.52 -8.10
CA LEU A 266 6.32 25.83 -7.47
C LEU A 266 5.26 26.77 -8.05
N SER A 267 4.28 26.24 -8.79
CA SER A 267 3.22 27.04 -9.39
C SER A 267 3.81 28.09 -10.35
N LYS A 268 4.43 27.58 -11.41
CA LYS A 268 5.05 28.42 -12.44
C LYS A 268 4.64 27.89 -13.80
N GLY A 269 5.10 28.57 -14.85
CA GLY A 269 4.80 28.19 -16.20
C GLY A 269 5.52 26.91 -16.61
N TYR A 270 5.30 26.53 -17.87
CA TYR A 270 5.90 25.32 -18.42
C TYR A 270 5.66 25.32 -19.92
N ASN A 271 6.35 24.41 -20.61
CA ASN A 271 6.25 24.26 -22.06
C ASN A 271 5.96 22.80 -22.39
N LYS A 272 5.83 22.51 -23.67
CA LYS A 272 5.55 21.14 -24.11
C LYS A 272 6.71 20.20 -23.82
N GLY A 273 7.93 20.72 -23.67
CA GLY A 273 9.07 19.86 -23.40
C GLY A 273 8.87 19.03 -22.13
N VAL A 274 8.10 19.56 -21.17
CA VAL A 274 7.85 18.81 -19.94
C VAL A 274 7.24 17.46 -20.25
N ASP A 275 6.48 17.36 -21.34
CA ASP A 275 5.88 16.08 -21.71
C ASP A 275 6.92 14.97 -21.78
N TRP A 276 8.16 15.31 -22.15
CA TRP A 276 9.22 14.31 -22.16
C TRP A 276 9.63 13.93 -20.74
N TRP A 277 9.86 14.92 -19.89
CA TRP A 277 10.28 14.65 -18.52
C TRP A 277 9.29 13.74 -17.81
N ALA A 278 8.01 14.13 -17.80
CA ALA A 278 6.99 13.29 -17.17
C ALA A 278 6.99 11.88 -17.74
N LEU A 279 7.40 11.72 -19.00
CA LEU A 279 7.48 10.41 -19.61
C LEU A 279 8.85 9.75 -19.43
N GLY A 280 9.90 10.53 -19.23
CA GLY A 280 11.23 9.95 -19.05
C GLY A 280 11.27 8.96 -17.92
N VAL A 281 10.72 9.34 -16.76
CA VAL A 281 10.68 8.44 -15.62
C VAL A 281 9.98 7.14 -15.98
N LEU A 282 8.99 7.21 -16.88
CA LEU A 282 8.29 6.00 -17.30
C LEU A 282 9.26 4.98 -17.88
N ILE A 283 10.25 5.44 -18.64
CA ILE A 283 11.24 4.53 -19.21
C ILE A 283 11.93 3.73 -18.13
N TYR A 284 12.10 4.32 -16.94
CA TYR A 284 12.69 3.59 -15.83
C TYR A 284 11.91 2.31 -15.53
N GLU A 285 10.58 2.40 -15.52
CA GLU A 285 9.76 1.22 -15.27
C GLU A 285 10.02 0.13 -16.31
N MET A 286 10.43 0.52 -17.52
CA MET A 286 10.74 -0.42 -18.58
C MET A 286 12.23 -0.72 -18.67
N ALA A 287 12.97 -0.53 -17.57
CA ALA A 287 14.40 -0.79 -17.57
C ALA A 287 14.82 -1.48 -16.28
N ALA A 288 14.54 -0.87 -15.14
CA ALA A 288 14.91 -1.45 -13.85
C ALA A 288 14.05 -2.67 -13.55
N GLY A 289 12.79 -2.45 -13.21
CA GLY A 289 11.89 -3.54 -12.87
C GLY A 289 10.91 -3.20 -11.78
N TYR A 290 11.15 -2.10 -11.09
CA TYR A 290 10.31 -1.62 -10.00
C TYR A 290 9.86 -0.19 -10.27
N PRO A 291 8.84 0.29 -9.57
CA PRO A 291 8.39 1.67 -9.76
C PRO A 291 9.50 2.66 -9.50
N PRO A 292 9.35 3.92 -9.95
CA PRO A 292 10.42 4.90 -9.73
C PRO A 292 10.48 5.38 -8.30
N PHE A 293 9.33 5.80 -7.75
CA PHE A 293 9.26 6.29 -6.38
C PHE A 293 8.92 5.12 -5.46
N PHE A 294 9.88 4.77 -4.59
CA PHE A 294 9.70 3.66 -3.65
C PHE A 294 9.12 4.13 -2.32
N ALA A 295 8.12 5.00 -2.36
CA ALA A 295 7.49 5.52 -1.16
C ALA A 295 5.99 5.64 -1.42
N ASP A 296 5.26 6.14 -0.41
CA ASP A 296 3.83 6.32 -0.49
C ASP A 296 3.36 7.73 -0.19
N GLN A 297 4.06 8.46 0.68
CA GLN A 297 3.66 9.83 1.00
C GLN A 297 4.10 10.78 -0.11
N PRO A 298 3.25 11.73 -0.51
CA PRO A 298 3.69 12.71 -1.53
C PRO A 298 4.93 13.47 -1.16
N ILE A 299 5.21 13.65 0.13
CA ILE A 299 6.40 14.40 0.54
C ILE A 299 7.66 13.68 0.06
N GLN A 300 7.70 12.36 0.22
CA GLN A 300 8.87 11.60 -0.23
C GLN A 300 9.04 11.69 -1.74
N ILE A 301 7.92 11.62 -2.48
CA ILE A 301 7.98 11.71 -3.93
C ILE A 301 8.52 13.07 -4.35
N TYR A 302 8.04 14.14 -3.71
CA TYR A 302 8.53 15.48 -4.04
C TYR A 302 10.00 15.62 -3.70
N GLU A 303 10.43 15.07 -2.56
CA GLU A 303 11.83 15.16 -2.18
C GLU A 303 12.71 14.40 -3.16
N LYS A 304 12.24 13.25 -3.64
CA LYS A 304 13.03 12.49 -4.61
C LYS A 304 13.07 13.19 -5.96
N ILE A 305 11.98 13.85 -6.34
CA ILE A 305 11.94 14.56 -7.62
C ILE A 305 12.87 15.76 -7.58
N VAL A 306 12.81 16.54 -6.49
CA VAL A 306 13.67 17.71 -6.37
C VAL A 306 15.13 17.30 -6.21
N SER A 307 15.39 16.19 -5.53
CA SER A 307 16.75 15.70 -5.32
C SER A 307 17.23 15.03 -6.60
N GLY A 308 18.15 15.67 -7.31
CA GLY A 308 18.68 15.13 -8.54
C GLY A 308 19.55 13.91 -8.31
N LYS A 309 18.93 12.73 -8.30
CA LYS A 309 19.66 11.48 -8.09
C LYS A 309 18.81 10.33 -8.59
N VAL A 310 19.35 9.54 -9.51
CA VAL A 310 18.65 8.40 -10.08
C VAL A 310 19.61 7.22 -10.11
N ARG A 311 19.16 6.08 -9.58
CA ARG A 311 20.00 4.89 -9.56
C ARG A 311 20.21 4.35 -10.97
N PHE A 312 21.24 3.51 -11.10
CA PHE A 312 21.60 2.91 -12.39
C PHE A 312 22.03 1.46 -12.14
N PRO A 313 21.06 0.57 -11.89
CA PRO A 313 21.42 -0.85 -11.69
C PRO A 313 22.13 -1.46 -12.87
N SER A 314 22.53 -2.73 -12.74
CA SER A 314 23.23 -3.44 -13.81
C SER A 314 22.22 -4.06 -14.78
N HIS A 315 21.38 -3.20 -15.34
CA HIS A 315 20.36 -3.66 -16.29
C HIS A 315 20.02 -2.62 -17.35
N PHE A 316 20.61 -1.43 -17.32
CA PHE A 316 20.32 -0.40 -18.31
C PHE A 316 21.22 -0.54 -19.51
N SER A 317 20.83 0.12 -20.60
CA SER A 317 21.60 0.09 -21.84
C SER A 317 22.77 1.07 -21.74
N SER A 318 23.52 1.22 -22.83
CA SER A 318 24.66 2.13 -22.84
C SER A 318 24.22 3.56 -23.12
N ASP A 319 23.40 3.76 -24.16
CA ASP A 319 22.95 5.10 -24.50
C ASP A 319 21.90 5.62 -23.52
N LEU A 320 21.08 4.73 -22.96
CA LEU A 320 20.08 5.16 -22.00
C LEU A 320 20.72 5.74 -20.74
N LYS A 321 21.82 5.14 -20.29
CA LYS A 321 22.52 5.65 -19.12
C LYS A 321 23.00 7.08 -19.36
N ASP A 322 23.61 7.32 -20.53
CA ASP A 322 24.09 8.66 -20.84
C ASP A 322 22.92 9.64 -20.98
N LEU A 323 21.82 9.20 -21.59
CA LEU A 323 20.67 10.08 -21.74
C LEU A 323 20.08 10.46 -20.39
N LEU A 324 20.06 9.51 -19.45
CA LEU A 324 19.55 9.81 -18.12
C LEU A 324 20.52 10.68 -17.32
N ARG A 325 21.83 10.49 -17.52
CA ARG A 325 22.80 11.30 -16.80
C ARG A 325 22.83 12.73 -17.31
N ASN A 326 22.60 12.92 -18.62
CA ASN A 326 22.60 14.27 -19.17
C ASN A 326 21.49 15.12 -18.59
N LEU A 327 20.36 14.51 -18.25
CA LEU A 327 19.21 15.22 -17.67
C LEU A 327 19.18 14.92 -16.18
N LEU A 328 19.75 15.84 -15.39
CA LEU A 328 19.79 15.68 -13.93
C LEU A 328 19.68 16.98 -13.16
N GLN A 329 19.96 18.14 -13.77
CA GLN A 329 19.85 19.40 -13.05
C GLN A 329 18.38 19.70 -12.71
N VAL A 330 18.21 20.58 -11.74
CA VAL A 330 16.85 20.96 -11.32
C VAL A 330 16.19 21.83 -12.38
N ASP A 331 16.85 22.91 -12.78
CA ASP A 331 16.34 23.81 -13.81
C ASP A 331 16.76 23.27 -15.17
N LEU A 332 15.91 22.42 -15.74
CA LEU A 332 16.17 21.80 -17.04
C LEU A 332 16.15 22.89 -18.11
N THR A 333 17.31 23.56 -18.26
CA THR A 333 17.45 24.62 -19.25
C THR A 333 17.98 24.11 -20.58
N LYS A 334 18.84 23.10 -20.56
CA LYS A 334 19.42 22.54 -21.78
C LYS A 334 18.59 21.36 -22.29
N ARG A 335 17.27 21.56 -22.39
CA ARG A 335 16.39 20.50 -22.85
C ARG A 335 16.64 20.21 -24.33
N PHE A 336 16.52 18.93 -24.70
CA PHE A 336 16.73 18.51 -26.07
C PHE A 336 15.52 18.75 -26.96
N GLY A 337 14.36 19.05 -26.39
CA GLY A 337 13.16 19.28 -27.17
C GLY A 337 12.98 20.74 -27.54
N ASN A 338 13.50 21.64 -26.70
CA ASN A 338 13.38 23.08 -26.93
C ASN A 338 14.47 23.49 -27.92
N LEU A 339 14.22 23.19 -29.19
CA LEU A 339 15.14 23.53 -30.27
C LEU A 339 14.33 24.07 -31.44
N LYS A 340 15.00 24.30 -32.57
CA LYS A 340 14.33 24.82 -33.75
C LYS A 340 13.27 23.84 -34.25
N ASN A 341 13.70 22.74 -34.85
CA ASN A 341 12.77 21.73 -35.35
C ASN A 341 12.41 20.68 -34.31
N GLY A 342 13.27 20.46 -33.32
CA GLY A 342 12.98 19.47 -32.29
C GLY A 342 13.09 18.04 -32.76
N VAL A 343 13.75 17.79 -33.88
CA VAL A 343 13.91 16.44 -34.41
C VAL A 343 15.30 16.30 -35.02
N ASN A 344 16.34 16.59 -34.25
CA ASN A 344 17.71 16.51 -34.73
C ASN A 344 18.59 15.84 -33.69
N ASP A 345 18.70 16.46 -32.51
CA ASP A 345 19.53 15.88 -31.45
C ASP A 345 18.98 14.56 -30.95
N ILE A 346 17.65 14.40 -30.96
CA ILE A 346 17.05 13.16 -30.48
C ILE A 346 17.19 12.06 -31.53
N LYS A 347 17.01 12.40 -32.81
CA LYS A 347 17.12 11.40 -33.86
C LYS A 347 18.58 11.05 -34.13
N ASN A 348 19.47 12.04 -34.08
CA ASN A 348 20.89 11.81 -34.32
C ASN A 348 21.62 11.20 -33.13
N HIS A 349 20.92 11.00 -32.01
CA HIS A 349 21.56 10.41 -30.84
C HIS A 349 21.98 8.98 -31.11
N LYS A 350 22.87 8.47 -30.25
CA LYS A 350 23.36 7.11 -30.39
C LYS A 350 22.26 6.07 -30.12
N TRP A 351 21.23 6.44 -29.36
CA TRP A 351 20.16 5.48 -29.07
C TRP A 351 19.42 5.09 -30.34
N PHE A 352 19.15 6.05 -31.22
CA PHE A 352 18.44 5.79 -32.46
C PHE A 352 19.45 5.63 -33.59
N ALA A 353 20.22 4.54 -33.52
CA ALA A 353 21.23 4.27 -34.53
C ALA A 353 20.59 3.94 -35.88
N THR A 354 19.42 3.32 -35.87
CA THR A 354 18.70 2.95 -37.09
C THR A 354 17.23 3.24 -36.91
N THR A 355 16.69 4.11 -37.74
CA THR A 355 15.28 4.47 -37.68
C THR A 355 14.75 4.73 -39.08
N ASP A 356 13.43 4.65 -39.22
CA ASP A 356 12.79 4.87 -40.52
C ASP A 356 11.32 5.22 -40.25
N TRP A 357 11.04 6.52 -40.18
CA TRP A 357 9.68 6.98 -39.92
C TRP A 357 8.78 6.87 -41.15
N ILE A 358 9.36 6.79 -42.35
CA ILE A 358 8.55 6.69 -43.55
C ILE A 358 7.81 5.36 -43.59
N ALA A 359 8.42 4.30 -43.07
CA ALA A 359 7.76 3.00 -43.06
C ALA A 359 6.53 3.00 -42.15
N ILE A 360 6.62 3.70 -41.01
CA ILE A 360 5.48 3.76 -40.10
C ILE A 360 4.45 4.80 -40.53
N TYR A 361 4.87 5.80 -41.32
CA TYR A 361 3.92 6.83 -41.77
C TYR A 361 2.76 6.21 -42.53
N GLN A 362 3.04 5.23 -43.39
CA GLN A 362 2.02 4.55 -44.17
C GLN A 362 1.42 3.36 -43.45
N ARG A 363 1.87 3.06 -42.24
CA ARG A 363 1.35 1.92 -41.48
C ARG A 363 1.48 0.63 -42.27
N LYS A 364 2.65 -0.01 -42.19
CA LYS A 364 2.87 -1.25 -42.92
C LYS A 364 3.93 -2.14 -42.28
N VAL A 365 4.21 -1.98 -40.98
CA VAL A 365 5.21 -2.76 -40.28
C VAL A 365 4.49 -3.52 -39.15
N GLU A 366 4.54 -4.84 -39.21
CA GLU A 366 3.89 -5.65 -38.18
C GLU A 366 4.60 -5.48 -36.85
N ALA A 367 3.82 -5.38 -35.78
CA ALA A 367 4.37 -5.20 -34.45
C ALA A 367 5.11 -6.47 -34.02
N PRO A 368 5.97 -6.37 -33.01
CA PRO A 368 6.67 -7.58 -32.54
C PRO A 368 5.73 -8.68 -32.08
N PHE A 369 4.73 -8.34 -31.27
CA PHE A 369 3.77 -9.33 -30.77
C PHE A 369 2.43 -8.64 -30.61
N ILE A 370 1.45 -9.03 -31.42
CA ILE A 370 0.11 -8.44 -31.38
C ILE A 370 -0.71 -9.25 -30.38
N PRO A 371 -1.55 -8.60 -29.56
CA PRO A 371 -2.40 -9.37 -28.64
C PRO A 371 -3.30 -10.35 -29.37
N LYS A 372 -3.61 -11.46 -28.69
CA LYS A 372 -4.47 -12.47 -29.27
C LYS A 372 -5.88 -11.93 -29.47
N PHE A 373 -6.42 -12.12 -30.68
CA PHE A 373 -7.75 -11.65 -31.04
C PHE A 373 -8.65 -12.87 -31.18
N LYS A 374 -9.40 -13.18 -30.12
CA LYS A 374 -10.31 -14.32 -30.12
C LYS A 374 -11.71 -13.93 -30.61
N GLY A 375 -11.76 -13.32 -31.79
CA GLY A 375 -13.01 -12.90 -32.37
C GLY A 375 -13.56 -11.65 -31.71
N PRO A 376 -14.71 -11.19 -32.17
CA PRO A 376 -15.33 -10.00 -31.55
C PRO A 376 -15.60 -10.19 -30.07
N GLY A 377 -15.67 -9.07 -29.35
CA GLY A 377 -15.93 -9.12 -27.93
C GLY A 377 -14.82 -9.77 -27.12
N ASP A 378 -13.58 -9.70 -27.60
CA ASP A 378 -12.45 -10.30 -26.89
C ASP A 378 -11.95 -9.32 -25.82
N THR A 379 -12.73 -9.21 -24.76
CA THR A 379 -12.42 -8.32 -23.64
C THR A 379 -11.62 -9.02 -22.54
N SER A 380 -10.93 -10.12 -22.87
CA SER A 380 -10.16 -10.83 -21.87
C SER A 380 -8.86 -10.09 -21.54
N ASN A 381 -8.29 -9.38 -22.52
CA ASN A 381 -7.05 -8.65 -22.27
C ASN A 381 -7.28 -7.46 -21.34
N PHE A 382 -8.39 -6.75 -21.54
CA PHE A 382 -8.68 -5.60 -20.70
C PHE A 382 -9.05 -6.03 -19.28
N ASP A 383 -8.88 -5.12 -18.33
CA ASP A 383 -9.18 -5.40 -16.94
C ASP A 383 -10.69 -5.37 -16.71
N ASP A 384 -11.17 -6.27 -15.87
CA ASP A 384 -12.59 -6.35 -15.56
C ASP A 384 -12.98 -5.28 -14.55
N TYR A 385 -14.28 -5.05 -14.42
CA TYR A 385 -14.80 -4.06 -13.49
C TYR A 385 -16.25 -4.40 -13.19
N GLU A 386 -16.70 -3.98 -12.00
CA GLU A 386 -18.06 -4.23 -11.59
C GLU A 386 -19.04 -3.43 -12.44
N GLU A 387 -20.20 -4.03 -12.68
CA GLU A 387 -21.23 -3.37 -13.49
C GLU A 387 -21.87 -2.23 -12.70
N GLU A 388 -22.15 -1.12 -13.40
CA GLU A 388 -22.76 0.04 -12.78
C GLU A 388 -23.63 0.73 -13.82
N GLU A 389 -24.95 0.58 -13.70
CA GLU A 389 -25.86 1.19 -14.65
C GLU A 389 -26.02 2.67 -14.35
N ILE A 390 -26.73 3.36 -15.23
CA ILE A 390 -26.99 4.79 -15.11
C ILE A 390 -28.23 4.98 -14.25
N ARG A 391 -28.04 5.39 -13.00
CA ARG A 391 -29.13 5.62 -12.06
C ARG A 391 -29.20 7.12 -11.80
N VAL A 392 -29.75 7.85 -12.76
CA VAL A 392 -29.90 9.30 -12.68
C VAL A 392 -31.29 9.67 -13.15
N SER A 393 -31.89 10.66 -12.49
CA SER A 393 -33.24 11.11 -12.85
C SER A 393 -33.18 12.01 -14.08
N ILE A 394 -34.19 11.90 -14.93
CA ILE A 394 -34.29 12.69 -16.15
C ILE A 394 -34.77 14.07 -15.75
N ASN A 395 -33.84 15.01 -15.56
CA ASN A 395 -34.18 16.36 -15.18
C ASN A 395 -33.08 17.30 -15.66
N GLU A 396 -33.49 18.44 -16.22
CA GLU A 396 -32.53 19.41 -16.72
C GLU A 396 -31.75 20.04 -15.57
N LYS A 397 -30.45 20.25 -15.79
CA LYS A 397 -29.57 20.84 -14.78
C LYS A 397 -28.60 21.77 -15.51
N CYS A 398 -29.00 23.03 -15.67
CA CYS A 398 -28.17 24.02 -16.34
C CYS A 398 -27.86 23.58 -17.77
N GLY A 399 -28.73 23.94 -18.71
CA GLY A 399 -28.54 23.59 -20.10
C GLY A 399 -27.69 24.60 -20.85
N LYS A 400 -27.89 25.88 -20.57
CA LYS A 400 -27.12 26.92 -21.24
C LYS A 400 -25.63 26.75 -21.00
N GLU A 401 -25.24 26.20 -19.84
CA GLU A 401 -23.83 25.99 -19.56
C GLU A 401 -23.20 24.93 -20.45
N PHE A 402 -24.02 24.09 -21.09
CA PHE A 402 -23.55 23.03 -21.97
C PHE A 402 -24.19 23.16 -23.35
N SER A 403 -24.17 24.38 -23.90
CA SER A 403 -24.77 24.61 -25.21
C SER A 403 -23.86 24.10 -26.33
N GLU A 404 -22.61 24.55 -26.36
CA GLU A 404 -21.67 24.12 -27.38
C GLU A 404 -21.27 22.66 -27.13
N PHE A 405 -21.52 21.80 -28.11
CA PHE A 405 -21.19 20.38 -27.98
C PHE A 405 -21.04 19.75 -29.35
N ASP B 96 -25.07 -11.05 31.07
CA ASP B 96 -24.78 -9.71 30.55
C ASP B 96 -24.92 -8.68 31.67
N GLN B 97 -24.08 -8.84 32.69
CA GLN B 97 -24.05 -7.95 33.85
C GLN B 97 -22.97 -6.89 33.72
N PHE B 98 -22.89 -6.25 32.55
CA PHE B 98 -21.90 -5.23 32.29
C PHE B 98 -22.45 -4.25 31.28
N GLU B 99 -22.42 -2.95 31.61
CA GLU B 99 -22.90 -1.90 30.73
C GLU B 99 -21.75 -1.45 29.83
N ARG B 100 -21.93 -1.59 28.52
CA ARG B 100 -20.90 -1.21 27.57
C ARG B 100 -20.89 0.30 27.38
N ILE B 101 -19.75 0.80 26.88
CA ILE B 101 -19.58 2.23 26.62
C ILE B 101 -19.22 2.44 25.16
N LYS B 102 -18.02 2.01 24.77
CA LYS B 102 -17.55 2.18 23.40
C LYS B 102 -16.53 1.09 23.09
N THR B 103 -16.47 0.71 21.81
CA THR B 103 -15.53 -0.30 21.38
C THR B 103 -14.09 0.14 21.66
N LEU B 104 -13.20 -0.84 21.83
CA LEU B 104 -11.80 -0.59 22.09
C LEU B 104 -10.87 -1.11 21.00
N GLY B 105 -11.29 -2.10 20.22
CA GLY B 105 -10.45 -2.63 19.17
C GLY B 105 -11.10 -3.77 18.39
N THR B 106 -10.74 -3.91 17.13
CA THR B 106 -11.28 -4.96 16.27
C THR B 106 -10.18 -5.46 15.34
N GLY B 107 -10.09 -6.77 15.21
CA GLY B 107 -9.08 -7.34 14.34
C GLY B 107 -9.22 -8.85 14.26
N SER B 108 -8.22 -9.47 13.62
CA SER B 108 -8.24 -10.92 13.48
C SER B 108 -8.28 -11.61 14.83
N PHE B 109 -7.62 -11.03 15.83
CA PHE B 109 -7.65 -11.61 17.17
C PHE B 109 -9.07 -11.60 17.75
N GLY B 110 -9.89 -10.64 17.36
CA GLY B 110 -11.25 -10.56 17.84
C GLY B 110 -11.73 -9.15 18.08
N ARG B 111 -12.70 -8.99 18.96
CA ARG B 111 -13.26 -7.69 19.31
C ARG B 111 -13.07 -7.43 20.80
N VAL B 112 -12.81 -6.17 21.15
CA VAL B 112 -12.61 -5.76 22.53
C VAL B 112 -13.34 -4.43 22.74
N MET B 113 -14.18 -4.38 23.77
CA MET B 113 -14.96 -3.20 24.09
C MET B 113 -14.69 -2.77 25.53
N LEU B 114 -15.23 -1.61 25.90
CA LEU B 114 -15.10 -1.06 27.24
C LEU B 114 -16.42 -1.22 27.98
N VAL B 115 -16.35 -1.66 29.24
CA VAL B 115 -17.54 -1.88 30.05
C VAL B 115 -17.32 -1.22 31.41
N LYS B 116 -18.44 -1.00 32.10
CA LYS B 116 -18.43 -0.41 33.43
C LYS B 116 -19.03 -1.41 34.41
N HIS B 117 -18.28 -1.76 35.45
CA HIS B 117 -18.75 -2.73 36.43
C HIS B 117 -19.97 -2.19 37.15
N LYS B 118 -21.08 -2.92 37.05
CA LYS B 118 -22.31 -2.49 37.71
C LYS B 118 -22.25 -2.71 39.21
N GLU B 119 -21.47 -3.68 39.68
CA GLU B 119 -21.36 -3.97 41.09
C GLU B 119 -20.36 -3.07 41.81
N THR B 120 -19.52 -2.34 41.07
CA THR B 120 -18.52 -1.46 41.69
C THR B 120 -18.31 -0.15 40.94
N GLY B 121 -18.48 -0.10 39.62
CA GLY B 121 -18.29 1.13 38.88
C GLY B 121 -16.84 1.38 38.54
N ASN B 122 -16.33 0.68 37.54
CA ASN B 122 -14.94 0.82 37.11
C ASN B 122 -14.82 0.42 35.65
N HIS B 123 -13.99 1.13 34.91
CA HIS B 123 -13.79 0.85 33.49
C HIS B 123 -12.92 -0.39 33.33
N TYR B 124 -13.43 -1.35 32.55
CA TYR B 124 -12.72 -2.60 32.30
C TYR B 124 -12.85 -2.95 30.82
N ALA B 125 -12.01 -3.87 30.37
CA ALA B 125 -12.04 -4.33 28.99
C ALA B 125 -12.76 -5.67 28.91
N MET B 126 -13.53 -5.85 27.84
CA MET B 126 -14.28 -7.09 27.60
C MET B 126 -13.95 -7.57 26.20
N LYS B 127 -13.30 -8.73 26.11
CA LYS B 127 -12.91 -9.32 24.84
C LYS B 127 -13.91 -10.42 24.47
N ILE B 128 -14.48 -10.32 23.29
CA ILE B 128 -15.47 -11.28 22.79
C ILE B 128 -14.75 -12.30 21.92
N LEU B 129 -14.94 -13.59 22.23
CA LEU B 129 -14.30 -14.64 21.44
C LEU B 129 -15.00 -14.88 20.11
N ASP B 130 -16.28 -14.52 19.99
CA ASP B 130 -17.02 -14.67 18.75
C ASP B 130 -17.18 -16.14 18.37
N LYS B 131 -16.06 -16.82 18.12
CA LYS B 131 -15.96 -18.23 17.75
C LYS B 131 -16.20 -18.45 16.26
N GLN B 132 -16.66 -17.44 15.51
CA GLN B 132 -16.87 -17.61 14.08
C GLN B 132 -15.57 -17.96 13.37
N LYS B 133 -14.56 -17.11 13.51
CA LYS B 133 -13.27 -17.39 12.89
C LYS B 133 -12.61 -18.63 13.49
N VAL B 134 -12.89 -18.93 14.76
CA VAL B 134 -12.32 -20.11 15.40
C VAL B 134 -12.85 -21.37 14.72
N VAL B 135 -14.16 -21.42 14.48
CA VAL B 135 -14.74 -22.58 13.80
C VAL B 135 -14.36 -22.59 12.33
N LYS B 136 -14.18 -21.41 11.73
CA LYS B 136 -13.80 -21.33 10.32
C LYS B 136 -12.31 -21.50 10.09
N LEU B 137 -11.49 -21.39 11.15
CA LEU B 137 -10.06 -21.53 11.05
C LEU B 137 -9.47 -22.54 12.03
N LYS B 138 -10.27 -23.11 12.92
CA LYS B 138 -9.79 -24.08 13.88
C LYS B 138 -8.72 -23.46 14.78
N GLN B 139 -9.14 -22.88 15.90
CA GLN B 139 -8.22 -22.26 16.85
C GLN B 139 -8.60 -22.58 18.29
N ILE B 140 -9.16 -23.77 18.52
CA ILE B 140 -9.56 -24.13 19.88
C ILE B 140 -8.36 -24.61 20.70
N GLU B 141 -7.35 -25.18 20.04
CA GLU B 141 -6.17 -25.66 20.77
C GLU B 141 -5.44 -24.51 21.45
N HIS B 142 -5.28 -23.38 20.74
CA HIS B 142 -4.60 -22.23 21.34
C HIS B 142 -5.37 -21.70 22.53
N THR B 143 -6.70 -21.61 22.41
CA THR B 143 -7.51 -21.12 23.53
C THR B 143 -7.42 -22.07 24.72
N LEU B 144 -7.47 -23.38 24.48
CA LEU B 144 -7.36 -24.34 25.56
C LEU B 144 -6.00 -24.24 26.24
N ASN B 145 -4.93 -24.08 25.46
CA ASN B 145 -3.60 -23.95 26.04
C ASN B 145 -3.50 -22.68 26.87
N GLU B 146 -4.02 -21.56 26.35
CA GLU B 146 -3.98 -20.32 27.12
C GLU B 146 -4.76 -20.45 28.42
N LYS B 147 -5.92 -21.11 28.38
CA LYS B 147 -6.71 -21.30 29.59
C LYS B 147 -5.97 -22.16 30.60
N ARG B 148 -5.39 -23.27 30.14
CA ARG B 148 -4.65 -24.15 31.04
C ARG B 148 -3.44 -23.44 31.63
N ILE B 149 -2.82 -22.53 30.87
CA ILE B 149 -1.68 -21.79 31.39
C ILE B 149 -2.13 -20.79 32.44
N LEU B 150 -3.15 -19.99 32.12
CA LEU B 150 -3.63 -18.98 33.05
C LEU B 150 -4.27 -19.59 34.29
N GLN B 151 -4.67 -20.86 34.24
CA GLN B 151 -5.28 -21.49 35.41
C GLN B 151 -4.36 -21.45 36.61
N ALA B 152 -3.05 -21.45 36.40
CA ALA B 152 -2.08 -21.45 37.49
C ALA B 152 -0.83 -20.69 37.06
N VAL B 153 -1.02 -19.43 36.66
CA VAL B 153 0.09 -18.56 36.26
C VAL B 153 -0.29 -17.13 36.60
N ASN B 154 0.63 -16.43 37.28
CA ASN B 154 0.39 -15.04 37.67
C ASN B 154 1.75 -14.36 37.84
N PHE B 155 1.91 -13.22 37.19
CA PHE B 155 3.15 -12.46 37.27
C PHE B 155 2.84 -11.00 37.01
N PRO B 156 3.77 -10.09 37.33
CA PRO B 156 3.51 -8.67 37.06
C PRO B 156 3.24 -8.36 35.61
N PHE B 157 3.87 -9.08 34.68
CA PHE B 157 3.69 -8.84 33.25
C PHE B 157 2.54 -9.67 32.68
N LEU B 158 1.41 -9.65 33.38
CA LEU B 158 0.22 -10.39 32.95
C LEU B 158 -1.02 -9.62 33.38
N VAL B 159 -2.10 -9.82 32.64
CA VAL B 159 -3.38 -9.18 32.91
C VAL B 159 -4.21 -10.09 33.81
N LYS B 160 -5.02 -9.46 34.67
CA LYS B 160 -5.86 -10.22 35.58
C LYS B 160 -6.98 -10.92 34.83
N LEU B 161 -7.44 -11.99 35.46
CA LEU B 161 -8.58 -12.71 34.98
C LEU B 161 -9.58 -12.61 36.12
N GLU B 162 -10.57 -11.69 36.02
CA GLU B 162 -11.51 -11.50 37.11
C GLU B 162 -12.84 -12.31 37.04
N PHE B 163 -13.69 -12.03 36.06
CA PHE B 163 -14.95 -12.78 35.90
C PHE B 163 -14.95 -13.20 34.42
N SER B 164 -15.22 -14.47 34.11
CA SER B 164 -15.24 -14.93 32.71
C SER B 164 -16.67 -15.41 32.37
N PHE B 165 -17.28 -14.95 31.29
CA PHE B 165 -18.66 -15.37 30.98
C PHE B 165 -18.83 -16.15 29.67
N LYS B 166 -19.46 -17.32 29.73
CA LYS B 166 -19.74 -18.11 28.54
C LYS B 166 -21.24 -18.23 28.34
N ASP B 167 -21.71 -17.94 27.14
CA ASP B 167 -23.13 -17.99 26.79
C ASP B 167 -23.40 -19.24 25.95
N ASN B 168 -24.62 -19.32 25.42
CA ASN B 168 -24.99 -20.46 24.58
C ASN B 168 -24.22 -20.50 23.27
N SER B 169 -23.66 -19.37 22.84
CA SER B 169 -22.91 -19.34 21.58
C SER B 169 -21.86 -18.24 21.55
N ASN B 170 -21.45 -17.70 22.70
CA ASN B 170 -20.45 -16.64 22.74
C ASN B 170 -19.71 -16.72 24.07
N LEU B 171 -18.60 -15.98 24.15
CA LEU B 171 -17.79 -15.93 25.36
C LEU B 171 -17.18 -14.55 25.49
N TYR B 172 -17.20 -14.02 26.70
CA TYR B 172 -16.68 -12.68 26.99
C TYR B 172 -15.72 -12.77 28.17
N MET B 173 -14.47 -12.39 27.95
CA MET B 173 -13.45 -12.39 28.99
C MET B 173 -13.25 -10.95 29.49
N VAL B 174 -13.30 -10.78 30.80
CA VAL B 174 -13.15 -9.47 31.43
C VAL B 174 -11.71 -9.30 31.89
N MET B 175 -11.21 -8.07 31.79
CA MET B 175 -9.84 -7.77 32.19
C MET B 175 -9.75 -6.33 32.64
N GLU B 176 -8.70 -6.02 33.38
CA GLU B 176 -8.48 -4.67 33.89
C GLU B 176 -7.98 -3.77 32.76
N TYR B 177 -8.63 -2.62 32.59
CA TYR B 177 -8.24 -1.67 31.55
C TYR B 177 -7.06 -0.83 32.01
N VAL B 178 -6.14 -0.57 31.09
CA VAL B 178 -4.95 0.23 31.38
C VAL B 178 -4.92 1.43 30.44
N PRO B 179 -5.56 2.55 30.78
CA PRO B 179 -5.50 3.72 29.91
C PRO B 179 -4.07 4.19 29.66
N GLY B 180 -3.74 4.37 28.39
CA GLY B 180 -2.41 4.81 28.02
C GLY B 180 -2.10 4.62 26.55
N GLY B 181 -2.54 3.50 25.99
CA GLY B 181 -2.32 3.20 24.59
C GLY B 181 -1.01 2.47 24.34
N GLU B 182 -0.88 1.96 23.11
CA GLU B 182 0.31 1.23 22.73
C GLU B 182 1.46 2.19 22.43
N MET B 183 2.68 1.68 22.54
CA MET B 183 3.86 2.49 22.28
C MET B 183 4.15 2.65 20.80
N PHE B 184 3.61 1.77 19.95
CA PHE B 184 3.82 1.90 18.51
C PHE B 184 3.25 3.20 17.99
N SER B 185 2.11 3.64 18.53
CA SER B 185 1.52 4.90 18.10
C SER B 185 2.46 6.07 18.38
N HIS B 186 3.01 6.13 19.60
CA HIS B 186 3.93 7.21 19.93
C HIS B 186 5.21 7.11 19.10
N LEU B 187 5.68 5.88 18.84
CA LEU B 187 6.88 5.71 18.03
C LEU B 187 6.66 6.23 16.62
N ARG B 188 5.50 5.94 16.04
CA ARG B 188 5.20 6.43 14.69
C ARG B 188 4.96 7.93 14.68
N ARG B 189 4.40 8.49 15.76
CA ARG B 189 4.16 9.92 15.82
C ARG B 189 5.47 10.69 15.91
N ILE B 190 6.37 10.26 16.79
CA ILE B 190 7.66 10.91 16.97
C ILE B 190 8.60 10.47 15.87
N GLY B 191 9.06 9.22 15.94
CA GLY B 191 9.97 8.69 14.95
C GLY B 191 10.83 7.57 15.48
N ARG B 192 11.72 7.88 16.43
CA ARG B 192 12.60 6.89 17.01
C ARG B 192 12.94 7.31 18.43
N PHE B 193 13.16 6.32 19.29
CA PHE B 193 13.49 6.56 20.69
C PHE B 193 15.00 6.69 20.86
N SER B 194 15.43 6.82 22.11
CA SER B 194 16.84 6.97 22.44
C SER B 194 17.41 5.65 22.95
N GLU B 195 18.68 5.66 23.30
CA GLU B 195 19.33 4.45 23.79
C GLU B 195 18.75 3.95 25.11
N PRO B 196 18.49 4.78 26.12
CA PRO B 196 17.84 4.27 27.33
C PRO B 196 16.52 3.57 27.09
N HIS B 197 15.73 4.05 26.13
CA HIS B 197 14.46 3.39 25.83
C HIS B 197 14.68 1.98 25.33
N ALA B 198 15.60 1.81 24.37
CA ALA B 198 15.90 0.48 23.86
C ALA B 198 16.48 -0.41 24.95
N ARG B 199 17.31 0.17 25.82
CA ARG B 199 17.86 -0.61 26.93
C ARG B 199 16.77 -1.13 27.85
N PHE B 200 15.82 -0.25 28.20
CA PHE B 200 14.72 -0.67 29.06
C PHE B 200 13.84 -1.71 28.36
N TYR B 201 13.63 -1.55 27.06
CA TYR B 201 12.85 -2.54 26.32
C TYR B 201 13.53 -3.90 26.34
N ALA B 202 14.84 -3.93 26.10
CA ALA B 202 15.56 -5.20 26.13
C ALA B 202 15.56 -5.80 27.53
N ALA B 203 15.67 -4.96 28.56
CA ALA B 203 15.62 -5.45 29.93
C ALA B 203 14.27 -6.10 30.22
N GLN B 204 13.18 -5.44 29.85
CA GLN B 204 11.86 -6.02 30.06
C GLN B 204 11.69 -7.31 29.25
N ILE B 205 12.25 -7.35 28.04
CA ILE B 205 12.12 -8.54 27.21
C ILE B 205 12.82 -9.72 27.85
N VAL B 206 14.07 -9.51 28.31
CA VAL B 206 14.79 -10.60 28.96
C VAL B 206 14.12 -10.99 30.26
N LEU B 207 13.54 -10.02 30.98
CA LEU B 207 12.86 -10.34 32.23
C LEU B 207 11.66 -11.24 31.97
N THR B 208 10.81 -10.88 31.01
CA THR B 208 9.65 -11.71 30.71
C THR B 208 10.07 -13.05 30.13
N PHE B 209 11.16 -13.10 29.37
CA PHE B 209 11.66 -14.37 28.85
C PHE B 209 12.07 -15.29 30.01
N GLU B 210 12.81 -14.75 30.98
CA GLU B 210 13.20 -15.55 32.13
C GLU B 210 11.99 -15.99 32.94
N TYR B 211 11.01 -15.11 33.09
CA TYR B 211 9.80 -15.46 33.83
C TYR B 211 9.05 -16.59 33.15
N LEU B 212 8.96 -16.54 31.82
CA LEU B 212 8.27 -17.61 31.09
C LEU B 212 9.06 -18.91 31.13
N HIS B 213 10.39 -18.82 31.09
CA HIS B 213 11.21 -20.03 31.13
C HIS B 213 11.21 -20.66 32.52
N SER B 214 10.99 -19.87 33.57
CA SER B 214 10.96 -20.42 34.92
C SER B 214 9.87 -21.47 35.07
N LEU B 215 8.75 -21.30 34.36
CA LEU B 215 7.64 -22.25 34.41
C LEU B 215 7.46 -22.99 33.09
N ASP B 216 8.48 -23.00 32.24
CA ASP B 216 8.40 -23.69 30.96
C ASP B 216 7.26 -23.13 30.12
N LEU B 217 7.48 -21.97 29.49
CA LEU B 217 6.46 -21.34 28.66
C LEU B 217 7.14 -20.67 27.48
N ILE B 218 6.36 -20.46 26.42
CA ILE B 218 6.84 -19.82 25.19
C ILE B 218 5.82 -18.74 24.82
N TYR B 219 6.33 -17.54 24.62
CA TYR B 219 5.55 -16.38 24.22
C TYR B 219 4.96 -16.53 22.84
N ARG B 220 5.67 -17.16 21.92
CA ARG B 220 5.15 -17.34 20.57
C ARG B 220 5.04 -16.00 19.85
N ASP B 221 3.82 -15.49 19.67
CA ASP B 221 3.62 -14.21 18.99
C ASP B 221 4.24 -13.06 19.79
N LEU B 222 4.75 -12.08 19.05
CA LEU B 222 5.40 -10.90 19.63
C LEU B 222 5.30 -9.78 18.60
N LYS B 223 4.55 -8.74 18.93
CA LYS B 223 4.36 -7.58 18.06
C LYS B 223 4.28 -6.33 18.93
N PRO B 224 4.59 -5.17 18.37
CA PRO B 224 4.52 -3.93 19.16
C PRO B 224 3.11 -3.52 19.56
N GLU B 225 2.08 -4.18 19.03
CA GLU B 225 0.69 -3.86 19.36
C GLU B 225 0.18 -4.66 20.55
N ASN B 226 1.06 -5.02 21.48
CA ASN B 226 0.68 -5.79 22.66
C ASN B 226 1.41 -5.24 23.89
N LEU B 227 1.28 -3.93 24.11
CA LEU B 227 1.92 -3.27 25.23
C LEU B 227 1.01 -2.17 25.75
N LEU B 228 0.92 -2.05 27.07
CA LEU B 228 0.12 -1.03 27.73
C LEU B 228 0.93 -0.38 28.83
N ILE B 229 1.01 0.96 28.79
CA ILE B 229 1.77 1.73 29.76
C ILE B 229 0.77 2.50 30.61
N ASP B 230 0.81 2.26 31.92
CA ASP B 230 -0.09 2.93 32.85
C ASP B 230 0.57 4.23 33.34
N GLN B 231 -0.07 4.90 34.30
CA GLN B 231 0.47 6.14 34.83
C GLN B 231 1.58 5.90 35.85
N GLN B 232 1.52 4.78 36.57
CA GLN B 232 2.53 4.47 37.57
C GLN B 232 3.76 3.80 36.98
N GLY B 233 3.82 3.62 35.66
CA GLY B 233 4.96 3.01 35.02
C GLY B 233 4.90 1.50 34.90
N TYR B 234 3.85 0.87 35.42
CA TYR B 234 3.71 -0.58 35.35
C TYR B 234 3.31 -0.97 33.94
N ILE B 235 4.21 -1.63 33.22
CA ILE B 235 3.95 -2.06 31.86
C ILE B 235 3.20 -3.39 31.88
N GLN B 236 2.27 -3.56 30.94
CA GLN B 236 1.48 -4.79 30.84
C GLN B 236 1.48 -5.28 29.41
N VAL B 237 1.35 -6.60 29.25
CA VAL B 237 1.32 -7.25 27.96
C VAL B 237 -0.03 -7.91 27.78
N THR B 238 -0.54 -7.89 26.56
CA THR B 238 -1.83 -8.47 26.20
C THR B 238 -1.65 -9.48 25.08
N ASP B 239 -2.75 -10.15 24.72
CA ASP B 239 -2.73 -11.15 23.66
C ASP B 239 -1.76 -12.27 23.99
N PHE B 240 -2.27 -13.31 24.67
CA PHE B 240 -1.45 -14.46 25.06
C PHE B 240 -2.00 -15.77 24.52
N GLY B 241 -2.95 -15.72 23.58
CA GLY B 241 -3.49 -16.95 23.03
C GLY B 241 -2.46 -17.80 22.33
N PHE B 242 -1.43 -17.16 21.75
CA PHE B 242 -0.37 -17.87 21.04
C PHE B 242 0.70 -18.27 22.06
N ALA B 243 0.46 -19.39 22.74
CA ALA B 243 1.37 -19.90 23.75
C ALA B 243 1.29 -21.42 23.75
N LYS B 244 2.04 -22.03 24.67
CA LYS B 244 2.08 -23.49 24.79
C LYS B 244 2.36 -23.85 26.24
N ARG B 245 1.70 -24.90 26.72
CA ARG B 245 1.89 -25.35 28.08
C ARG B 245 3.35 -25.77 28.31
N VAL B 246 3.78 -26.82 27.63
CA VAL B 246 5.16 -27.32 27.73
C VAL B 246 5.80 -27.18 26.36
N LYS B 247 7.08 -26.81 26.35
CA LYS B 247 7.80 -26.65 25.08
C LYS B 247 7.78 -27.94 24.27
N GLY B 248 8.18 -29.05 24.88
CA GLY B 248 8.18 -30.33 24.21
C GLY B 248 8.90 -30.30 22.87
N ARG B 249 8.19 -30.65 21.80
CA ARG B 249 8.75 -30.65 20.46
C ARG B 249 7.65 -30.80 19.42
N THR B 250 6.91 -29.73 19.16
CA THR B 250 5.82 -29.73 18.21
C THR B 250 6.25 -29.02 16.93
N TRP B 251 5.29 -28.77 16.04
CA TRP B 251 5.55 -28.13 14.76
C TRP B 251 4.41 -27.16 14.44
N THR B 252 4.21 -26.19 15.33
CA THR B 252 3.18 -25.19 15.13
C THR B 252 3.66 -24.11 14.16
N LEU B 253 2.70 -23.55 13.42
CA LEU B 253 3.01 -22.51 12.44
C LEU B 253 2.00 -21.39 12.63
N CYS B 254 2.49 -20.23 13.06
CA CYS B 254 1.63 -19.05 13.24
C CYS B 254 2.53 -17.83 13.34
N GLY B 255 2.02 -16.76 13.93
CA GLY B 255 2.78 -15.52 14.09
C GLY B 255 2.39 -14.50 13.03
N THR B 256 3.41 -13.93 12.37
CA THR B 256 3.19 -12.94 11.32
C THR B 256 4.33 -13.05 10.33
N PRO B 257 4.09 -12.77 9.04
CA PRO B 257 5.19 -12.83 8.06
C PRO B 257 6.35 -11.91 8.38
N GLU B 258 6.10 -10.80 9.09
CA GLU B 258 7.15 -9.85 9.40
C GLU B 258 8.00 -10.26 10.59
N TYR B 259 7.79 -11.46 11.15
CA TYR B 259 8.57 -11.93 12.30
C TYR B 259 8.65 -13.47 12.20
N LEU B 260 9.57 -13.94 11.36
CA LEU B 260 9.78 -15.36 11.17
C LEU B 260 11.25 -15.61 10.87
N ALA B 261 11.62 -16.89 10.87
CA ALA B 261 12.98 -17.31 10.61
C ALA B 261 12.93 -18.61 9.81
N PRO B 262 14.03 -18.99 9.17
CA PRO B 262 14.04 -20.26 8.41
C PRO B 262 13.63 -21.47 9.21
N GLU B 263 13.76 -21.43 10.53
CA GLU B 263 13.37 -22.59 11.34
C GLU B 263 11.86 -22.78 11.38
N ILE B 264 11.10 -21.68 11.26
CA ILE B 264 9.64 -21.78 11.32
C ILE B 264 9.05 -22.03 9.93
N ILE B 265 9.72 -21.59 8.87
CA ILE B 265 9.20 -21.81 7.53
C ILE B 265 9.13 -23.29 7.18
N LEU B 266 10.13 -24.01 7.67
CA LEU B 266 10.17 -25.44 7.63
C LEU B 266 10.28 -25.77 9.10
N SER B 267 9.18 -26.13 9.73
CA SER B 267 9.24 -26.37 11.16
C SER B 267 10.48 -27.12 11.60
N LYS B 268 11.19 -26.55 12.57
CA LYS B 268 12.38 -27.20 13.11
C LYS B 268 12.46 -26.99 14.62
N GLY B 269 11.32 -27.10 15.30
CA GLY B 269 11.29 -26.96 16.73
C GLY B 269 11.33 -25.50 17.18
N TYR B 270 12.44 -24.83 16.88
CA TYR B 270 12.66 -23.43 17.26
C TYR B 270 12.12 -23.15 18.67
N ASN B 271 12.68 -23.88 19.64
CA ASN B 271 12.25 -23.70 21.02
C ASN B 271 12.47 -22.28 21.50
N LYS B 272 13.45 -21.57 20.92
CA LYS B 272 13.72 -20.19 21.31
C LYS B 272 14.15 -19.30 20.15
N GLY B 273 14.60 -19.86 19.02
CA GLY B 273 15.03 -19.01 17.91
C GLY B 273 13.90 -18.09 17.45
N VAL B 274 12.68 -18.62 17.35
CA VAL B 274 11.54 -17.80 16.94
C VAL B 274 11.35 -16.64 17.90
N ASP B 275 11.71 -16.82 19.17
CA ASP B 275 11.59 -15.78 20.17
C ASP B 275 12.86 -14.95 20.31
N TRP B 276 13.93 -15.29 19.59
CA TRP B 276 15.19 -14.56 19.65
C TRP B 276 15.59 -14.01 18.30
N TRP B 277 15.70 -14.85 17.27
CA TRP B 277 16.08 -14.38 15.95
C TRP B 277 15.21 -13.22 15.49
N ALA B 278 13.89 -13.43 15.50
CA ALA B 278 12.97 -12.35 15.12
C ALA B 278 13.18 -11.12 15.98
N LEU B 279 13.49 -11.33 17.27
CA LEU B 279 13.71 -10.18 18.15
C LEU B 279 14.83 -9.29 17.63
N GLY B 280 15.82 -9.87 16.96
CA GLY B 280 16.89 -9.06 16.40
C GLY B 280 16.39 -7.97 15.47
N VAL B 281 15.25 -8.19 14.83
CA VAL B 281 14.68 -7.18 13.95
C VAL B 281 13.79 -6.20 14.72
N LEU B 282 13.24 -6.62 15.86
CA LEU B 282 12.36 -5.74 16.63
C LEU B 282 13.07 -4.43 16.96
N ILE B 283 14.29 -4.52 17.49
CA ILE B 283 15.05 -3.32 17.82
C ILE B 283 15.19 -2.42 16.60
N TYR B 284 15.33 -3.02 15.42
CA TYR B 284 15.41 -2.23 14.20
C TYR B 284 14.19 -1.34 14.03
N GLU B 285 13.00 -1.89 14.29
CA GLU B 285 11.78 -1.09 14.17
C GLU B 285 11.83 0.11 15.11
N MET B 286 12.56 0.02 16.21
CA MET B 286 12.71 1.11 17.16
C MET B 286 14.05 1.80 17.03
N ALA B 287 14.70 1.69 15.88
CA ALA B 287 16.00 2.31 15.65
C ALA B 287 16.02 3.13 14.35
N ALA B 288 15.77 2.51 13.21
CA ALA B 288 15.78 3.23 11.94
C ALA B 288 14.53 4.11 11.82
N GLY B 289 14.60 5.08 10.92
CA GLY B 289 13.51 5.99 10.67
C GLY B 289 12.40 5.44 9.79
N TYR B 290 12.47 4.17 9.42
CA TYR B 290 11.47 3.55 8.57
C TYR B 290 11.30 2.11 9.02
N PRO B 291 10.21 1.45 8.65
CA PRO B 291 10.01 0.06 9.04
C PRO B 291 11.15 -0.82 8.57
N PRO B 292 11.41 -1.93 9.25
CA PRO B 292 12.50 -2.82 8.82
C PRO B 292 12.27 -3.38 7.43
N PHE B 293 11.15 -4.08 7.24
CA PHE B 293 10.80 -4.68 5.95
C PHE B 293 9.92 -3.71 5.17
N PHE B 294 10.40 -3.29 3.99
CA PHE B 294 9.68 -2.37 3.12
C PHE B 294 9.75 -2.94 1.71
N ALA B 295 8.77 -3.77 1.35
CA ALA B 295 8.72 -4.38 0.03
C ALA B 295 7.27 -4.53 -0.39
N ASP B 296 7.04 -4.52 -1.71
CA ASP B 296 5.71 -4.65 -2.29
C ASP B 296 5.40 -6.07 -2.71
N GLN B 297 6.02 -7.06 -2.06
CA GLN B 297 5.78 -8.46 -2.39
C GLN B 297 6.31 -9.32 -1.26
N PRO B 298 5.59 -10.38 -0.85
CA PRO B 298 6.11 -11.23 0.24
C PRO B 298 7.34 -12.02 -0.14
N ILE B 299 7.62 -12.19 -1.43
CA ILE B 299 8.81 -12.94 -1.84
C ILE B 299 10.06 -12.21 -1.38
N GLN B 300 10.09 -10.89 -1.51
CA GLN B 300 11.24 -10.12 -1.06
C GLN B 300 11.41 -10.23 0.46
N ILE B 301 10.30 -10.20 1.20
CA ILE B 301 10.39 -10.35 2.66
C ILE B 301 10.93 -11.71 3.02
N TYR B 302 10.47 -12.76 2.35
CA TYR B 302 10.98 -14.10 2.63
C TYR B 302 12.46 -14.21 2.29
N GLU B 303 12.88 -13.62 1.18
CA GLU B 303 14.30 -13.67 0.81
C GLU B 303 15.15 -12.92 1.82
N LYS B 304 14.65 -11.78 2.32
CA LYS B 304 15.40 -11.02 3.32
C LYS B 304 15.47 -11.79 4.63
N ILE B 305 14.39 -12.47 5.01
CA ILE B 305 14.40 -13.24 6.25
C ILE B 305 15.35 -14.43 6.14
N VAL B 306 15.38 -15.09 4.98
CA VAL B 306 16.27 -16.22 4.80
C VAL B 306 17.73 -15.76 4.74
N SER B 307 17.99 -14.69 3.99
CA SER B 307 19.33 -14.14 3.86
C SER B 307 19.56 -13.14 4.99
N GLY B 308 20.12 -13.63 6.09
CA GLY B 308 20.37 -12.79 7.24
C GLY B 308 21.43 -11.74 6.97
N LYS B 309 21.01 -10.48 6.87
CA LYS B 309 21.94 -9.38 6.62
C LYS B 309 21.24 -8.07 6.97
N VAL B 310 21.76 -7.37 7.97
CA VAL B 310 21.19 -6.11 8.42
C VAL B 310 21.84 -4.98 7.64
N ARG B 311 21.02 -4.09 7.09
CA ARG B 311 21.50 -2.93 6.33
C ARG B 311 21.82 -1.81 7.30
N PHE B 312 23.11 -1.48 7.43
CA PHE B 312 23.56 -0.43 8.33
C PHE B 312 22.90 0.89 7.96
N PRO B 313 22.01 1.42 8.79
CA PRO B 313 21.38 2.72 8.47
C PRO B 313 22.41 3.83 8.33
N SER B 314 21.98 4.91 7.70
CA SER B 314 22.87 6.07 7.51
C SER B 314 23.19 6.75 8.83
N HIS B 315 22.29 6.66 9.81
CA HIS B 315 22.47 7.26 11.13
C HIS B 315 22.18 6.19 12.18
N PHE B 316 23.23 5.54 12.66
CA PHE B 316 23.10 4.49 13.66
C PHE B 316 24.29 4.54 14.60
N SER B 317 24.05 4.26 15.88
CA SER B 317 25.11 4.27 16.87
C SER B 317 26.07 3.12 16.64
N SER B 318 27.37 3.39 16.83
CA SER B 318 28.39 2.36 16.63
C SER B 318 28.41 1.33 17.75
N ASP B 319 27.71 1.57 18.86
CA ASP B 319 27.69 0.62 19.95
C ASP B 319 26.88 -0.63 19.57
N LEU B 320 25.64 -0.45 19.15
CA LEU B 320 24.78 -1.56 18.76
C LEU B 320 25.07 -2.08 17.36
N LYS B 321 25.99 -1.45 16.63
CA LYS B 321 26.29 -1.92 15.28
C LYS B 321 26.87 -3.33 15.30
N ASP B 322 27.84 -3.58 16.19
CA ASP B 322 28.43 -4.91 16.28
C ASP B 322 27.40 -5.94 16.73
N LEU B 323 26.50 -5.55 17.63
CA LEU B 323 25.47 -6.48 18.09
C LEU B 323 24.50 -6.82 16.96
N LEU B 324 24.12 -5.83 16.16
CA LEU B 324 23.21 -6.09 15.03
C LEU B 324 23.91 -6.88 13.94
N ARG B 325 25.22 -6.72 13.78
CA ARG B 325 25.96 -7.47 12.78
C ARG B 325 26.05 -8.96 13.09
N ASN B 326 25.66 -9.38 14.29
CA ASN B 326 25.73 -10.78 14.68
C ASN B 326 24.43 -11.33 15.27
N LEU B 327 23.42 -10.49 15.52
CA LEU B 327 22.17 -10.99 16.06
C LEU B 327 21.55 -12.05 15.16
N LEU B 328 21.68 -11.89 13.85
CA LEU B 328 21.12 -12.86 12.90
C LEU B 328 22.09 -14.02 12.73
N GLN B 329 21.61 -15.24 12.99
CA GLN B 329 22.43 -16.43 12.87
C GLN B 329 21.52 -17.63 12.60
N VAL B 330 22.14 -18.75 12.26
CA VAL B 330 21.41 -19.98 11.96
C VAL B 330 21.18 -20.75 13.25
N ASP B 331 22.26 -21.26 13.85
CA ASP B 331 22.16 -22.01 15.09
C ASP B 331 22.08 -21.05 16.27
N LEU B 332 22.28 -21.57 17.48
CA LEU B 332 22.24 -20.75 18.69
C LEU B 332 23.40 -21.01 19.65
N THR B 333 24.03 -22.17 19.60
CA THR B 333 25.15 -22.44 20.50
C THR B 333 26.35 -21.55 20.19
N LYS B 334 26.52 -21.15 18.93
CA LYS B 334 27.64 -20.30 18.56
C LYS B 334 27.51 -18.89 19.12
N ARG B 335 26.30 -18.47 19.48
CA ARG B 335 26.10 -17.13 20.03
C ARG B 335 26.80 -17.02 21.38
N PHE B 336 27.61 -15.96 21.54
CA PHE B 336 28.32 -15.76 22.79
C PHE B 336 27.35 -15.46 23.93
N GLY B 337 26.59 -14.38 23.81
CA GLY B 337 25.63 -14.01 24.84
C GLY B 337 24.31 -14.76 24.69
N ASN B 338 24.29 -16.02 25.13
CA ASN B 338 23.08 -16.82 25.04
C ASN B 338 23.11 -17.95 26.07
N LEU B 339 23.48 -17.63 27.30
CA LEU B 339 23.53 -18.62 28.35
C LEU B 339 22.12 -19.01 28.79
N LYS B 340 22.01 -20.21 29.37
CA LYS B 340 20.71 -20.69 29.82
C LYS B 340 20.13 -19.79 30.90
N ASN B 341 20.98 -19.15 31.70
CA ASN B 341 20.48 -18.27 32.75
C ASN B 341 19.86 -17.00 32.16
N GLY B 342 20.47 -16.46 31.12
CA GLY B 342 19.95 -15.26 30.48
C GLY B 342 20.14 -13.99 31.27
N VAL B 343 20.94 -14.03 32.34
CA VAL B 343 21.18 -12.84 33.16
C VAL B 343 22.68 -12.55 33.18
N ASN B 344 23.50 -13.60 33.06
CA ASN B 344 24.95 -13.46 33.06
C ASN B 344 25.52 -13.21 31.67
N ASP B 345 24.68 -12.78 30.72
CA ASP B 345 25.12 -12.50 29.36
C ASP B 345 24.73 -11.11 28.89
N ILE B 346 23.52 -10.65 29.19
CA ILE B 346 23.10 -9.32 28.77
C ILE B 346 23.66 -8.26 29.72
N LYS B 347 23.84 -8.60 30.99
CA LYS B 347 24.37 -7.62 31.95
C LYS B 347 25.85 -7.36 31.70
N ASN B 348 26.59 -8.35 31.21
CA ASN B 348 28.02 -8.21 30.93
C ASN B 348 28.30 -7.72 29.51
N HIS B 349 27.33 -7.07 28.88
CA HIS B 349 27.53 -6.56 27.53
C HIS B 349 28.24 -5.22 27.55
N LYS B 350 28.49 -4.66 26.37
CA LYS B 350 29.18 -3.38 26.26
C LYS B 350 28.28 -2.25 26.74
N TRP B 351 27.26 -1.92 25.95
CA TRP B 351 26.34 -0.85 26.34
C TRP B 351 25.51 -1.24 27.55
N PHE B 352 25.01 -2.48 27.58
CA PHE B 352 24.20 -2.96 28.69
C PHE B 352 25.12 -3.33 29.85
N ALA B 353 25.13 -2.51 30.90
CA ALA B 353 25.96 -2.76 32.06
C ALA B 353 25.32 -2.22 33.32
N THR B 354 24.80 -0.99 33.26
CA THR B 354 24.15 -0.34 34.39
C THR B 354 22.65 -0.63 34.44
N THR B 355 22.21 -1.76 33.89
CA THR B 355 20.80 -2.13 33.88
C THR B 355 20.46 -2.72 35.24
N ASP B 356 20.11 -1.85 36.20
CA ASP B 356 19.75 -2.27 37.56
C ASP B 356 18.45 -3.06 37.50
N TRP B 357 18.58 -4.35 37.20
CA TRP B 357 17.40 -5.21 37.11
C TRP B 357 16.73 -5.43 38.47
N ILE B 358 17.47 -5.28 39.57
CA ILE B 358 16.89 -5.47 40.89
C ILE B 358 15.79 -4.45 41.13
N ALA B 359 15.97 -3.23 40.63
CA ALA B 359 14.96 -2.18 40.79
C ALA B 359 13.91 -2.21 39.70
N ILE B 360 14.17 -2.88 38.58
CA ILE B 360 13.21 -2.95 37.48
C ILE B 360 12.22 -4.08 37.68
N TYR B 361 12.70 -5.26 38.09
CA TYR B 361 11.81 -6.40 38.29
C TYR B 361 10.88 -6.20 39.48
N GLN B 362 11.23 -5.32 40.40
CA GLN B 362 10.39 -5.05 41.57
C GLN B 362 9.34 -3.97 41.32
N ARG B 363 9.24 -3.46 40.09
CA ARG B 363 8.27 -2.42 39.77
C ARG B 363 8.43 -1.22 40.70
N LYS B 364 9.44 -0.39 40.44
CA LYS B 364 9.68 0.78 41.27
C LYS B 364 10.17 1.94 40.41
N VAL B 365 11.09 1.67 39.49
CA VAL B 365 11.61 2.71 38.62
C VAL B 365 10.53 3.17 37.66
N GLU B 366 10.36 4.47 37.53
CA GLU B 366 9.34 5.02 36.63
C GLU B 366 9.77 4.85 35.18
N ALA B 367 8.78 4.76 34.31
CA ALA B 367 9.04 4.59 32.89
C ALA B 367 9.63 5.89 32.31
N PRO B 368 10.40 5.79 31.23
CA PRO B 368 10.98 7.00 30.63
C PRO B 368 9.99 7.87 29.88
N PHE B 369 8.76 7.39 29.66
CA PHE B 369 7.75 8.17 28.96
C PHE B 369 6.38 7.75 29.49
N ILE B 370 5.79 8.60 30.32
CA ILE B 370 4.49 8.35 30.92
C ILE B 370 3.43 9.06 30.08
N PRO B 371 2.31 8.42 29.74
CA PRO B 371 1.30 9.10 28.94
C PRO B 371 0.59 10.18 29.74
N LYS B 372 0.09 11.18 29.01
CA LYS B 372 -0.62 12.30 29.61
C LYS B 372 -2.09 11.94 29.78
N PHE B 373 -2.55 11.94 31.03
CA PHE B 373 -3.94 11.61 31.33
C PHE B 373 -4.81 12.87 31.28
N LYS B 374 -6.12 12.65 31.31
CA LYS B 374 -7.07 13.76 31.27
C LYS B 374 -8.32 13.43 32.08
N GLY B 375 -8.93 12.27 31.80
CA GLY B 375 -10.12 11.85 32.50
C GLY B 375 -10.34 10.36 32.39
N PRO B 376 -11.44 9.88 32.98
CA PRO B 376 -11.76 8.45 32.88
C PRO B 376 -11.88 7.98 31.44
N GLY B 377 -11.07 6.99 31.07
CA GLY B 377 -11.09 6.46 29.73
C GLY B 377 -10.63 7.47 28.69
N ASP B 378 -9.34 7.79 28.71
CA ASP B 378 -8.79 8.74 27.76
C ASP B 378 -8.85 8.18 26.34
N THR B 379 -8.81 9.09 25.37
CA THR B 379 -8.84 8.72 23.96
C THR B 379 -7.87 9.50 23.09
N SER B 380 -7.08 10.42 23.67
CA SER B 380 -6.13 11.18 22.85
C SER B 380 -5.02 10.29 22.32
N ASN B 381 -4.57 9.33 23.12
CA ASN B 381 -3.50 8.43 22.68
C ASN B 381 -4.01 7.36 21.73
N PHE B 382 -5.27 6.94 21.89
CA PHE B 382 -5.84 5.92 21.02
C PHE B 382 -6.30 6.53 19.70
N ASP B 383 -6.54 5.66 18.73
CA ASP B 383 -6.98 6.10 17.41
C ASP B 383 -8.48 6.44 17.42
N ASP B 384 -8.94 7.00 16.31
CA ASP B 384 -10.34 7.39 16.16
C ASP B 384 -11.19 6.27 15.55
N TYR B 385 -10.88 5.02 15.85
CA TYR B 385 -11.66 3.91 15.31
C TYR B 385 -13.11 4.00 15.79
N GLU B 386 -14.02 3.58 14.91
CA GLU B 386 -15.45 3.60 15.20
C GLU B 386 -15.92 2.21 15.61
N GLU B 387 -17.17 2.15 16.07
CA GLU B 387 -17.78 0.90 16.50
C GLU B 387 -18.48 0.22 15.34
N GLU B 388 -18.33 -1.10 15.25
CA GLU B 388 -18.94 -1.88 14.19
C GLU B 388 -20.32 -2.36 14.64
N GLU B 389 -20.96 -3.19 13.83
CA GLU B 389 -22.28 -3.72 14.15
C GLU B 389 -22.15 -4.84 15.18
N ILE B 390 -22.69 -4.62 16.37
CA ILE B 390 -22.65 -5.60 17.44
C ILE B 390 -23.92 -6.43 17.40
N ARG B 391 -23.80 -7.69 17.82
CA ARG B 391 -24.94 -8.60 17.85
C ARG B 391 -24.79 -9.54 19.04
N VAL B 392 -25.88 -9.73 19.77
CA VAL B 392 -25.89 -10.61 20.93
C VAL B 392 -26.26 -12.03 20.50
N SER B 393 -26.31 -12.94 21.45
CA SER B 393 -26.65 -14.33 21.15
C SER B 393 -28.16 -14.47 20.93
N ILE B 394 -28.52 -15.53 20.21
CA ILE B 394 -29.92 -15.84 19.91
C ILE B 394 -30.30 -17.23 20.40
N ASN B 395 -29.47 -18.23 20.10
CA ASN B 395 -29.74 -19.59 20.53
C ASN B 395 -28.41 -20.33 20.64
N GLU B 396 -28.49 -21.60 21.05
CA GLU B 396 -27.29 -22.42 21.20
C GLU B 396 -26.85 -22.95 19.85
N LYS B 397 -25.57 -22.76 19.54
CA LYS B 397 -24.99 -23.22 18.28
C LYS B 397 -23.67 -23.96 18.47
N CYS B 398 -22.79 -23.47 19.34
CA CYS B 398 -21.50 -24.11 19.59
C CYS B 398 -21.13 -23.93 21.05
N GLY B 399 -22.07 -24.23 21.96
CA GLY B 399 -21.81 -24.10 23.37
C GLY B 399 -21.03 -25.24 23.98
N LYS B 400 -20.98 -26.39 23.31
CA LYS B 400 -20.26 -27.55 23.79
C LYS B 400 -18.80 -27.58 23.36
N GLU B 401 -18.24 -26.42 23.00
CA GLU B 401 -16.84 -26.36 22.58
C GLU B 401 -15.90 -26.43 23.79
N PHE B 402 -15.85 -25.35 24.57
CA PHE B 402 -14.99 -25.28 25.75
C PHE B 402 -15.71 -25.93 26.92
N SER B 403 -15.80 -27.26 26.85
CA SER B 403 -16.47 -28.05 27.89
C SER B 403 -15.47 -28.39 29.01
N GLU B 404 -14.99 -27.33 29.66
CA GLU B 404 -14.03 -27.48 30.76
C GLU B 404 -14.34 -26.51 31.90
N PHE B 405 -15.62 -26.20 32.10
CA PHE B 405 -16.02 -25.29 33.16
C PHE B 405 -17.53 -25.37 33.39
N ILE C 104 3.15 -9.95 -6.70
CA ILE C 104 4.40 -9.44 -7.23
C ILE C 104 4.63 -8.00 -6.79
N ASN C 105 3.53 -7.26 -6.65
CA ASN C 105 3.59 -5.86 -6.22
C ASN C 105 2.25 -5.46 -5.64
N ARG C 106 2.29 -4.58 -4.63
CA ARG C 106 1.06 -4.13 -4.00
C ARG C 106 0.16 -3.36 -4.96
N PHE C 107 0.81 -2.55 -5.80
CA PHE C 107 0.24 -1.72 -6.90
C PHE C 107 -0.45 -0.45 -6.38
N THR C 108 -0.89 0.40 -7.30
CA THR C 108 -1.56 1.65 -6.95
C THR C 108 -2.60 2.12 -7.96
N ARG C 109 -3.51 2.96 -7.50
CA ARG C 109 -4.55 3.53 -8.33
C ARG C 109 -3.99 4.64 -9.22
N ARG C 110 -4.77 4.99 -10.23
CA ARG C 110 -4.38 6.05 -11.20
C ARG C 110 -5.56 7.02 -11.30
N ALA C 111 -5.90 7.59 -10.16
CA ALA C 111 -6.98 8.56 -10.07
C ALA C 111 -6.64 9.90 -10.71
N SER C 112 -7.63 10.56 -11.30
CA SER C 112 -7.40 11.85 -11.91
C SER C 112 -7.17 12.86 -10.79
N VAL C 113 -6.32 13.85 -11.04
CA VAL C 113 -6.03 14.86 -10.03
C VAL C 113 -6.58 16.18 -10.53
N CYS C 114 -6.90 17.09 -9.62
CA CYS C 114 -7.46 18.38 -10.04
C CYS C 114 -6.84 19.61 -9.36
N ALA C 115 -7.00 20.77 -9.99
CA ALA C 115 -6.50 22.05 -9.48
C ALA C 115 -7.52 23.14 -9.85
N GLU C 116 -7.56 24.26 -9.12
CA GLU C 116 -8.52 25.30 -9.44
C GLU C 116 -8.06 26.09 -10.67
N ALA C 117 -9.05 26.54 -11.46
CA ALA C 117 -8.77 27.30 -12.66
C ALA C 117 -8.73 28.80 -12.34
N TYR C 118 -8.42 29.60 -13.35
CA TYR C 118 -8.36 31.05 -13.19
C TYR C 118 -8.47 31.69 -14.56
N ASN C 119 -8.86 32.97 -14.56
CA ASN C 119 -9.01 33.75 -15.78
C ASN C 119 -7.93 34.81 -15.82
N PRO C 120 -6.80 34.58 -16.50
CA PRO C 120 -5.76 35.62 -16.57
C PRO C 120 -6.23 36.94 -17.12
N ASP C 121 -7.28 36.93 -17.96
CA ASP C 121 -7.79 38.18 -18.53
C ASP C 121 -8.39 39.09 -17.46
N GLU C 122 -8.76 38.55 -16.31
CA GLU C 122 -9.34 39.34 -15.22
C GLU C 122 -8.20 39.94 -14.40
N GLU C 123 -7.85 41.20 -14.70
CA GLU C 123 -6.79 41.89 -14.00
C GLU C 123 -7.26 42.59 -12.73
N GLU C 124 -8.54 42.92 -12.64
CA GLU C 124 -9.05 43.59 -11.46
C GLU C 124 -8.99 42.67 -10.25
N ASP C 125 -8.55 43.21 -9.13
CA ASP C 125 -8.44 42.46 -7.88
C ASP C 125 -8.44 43.46 -6.72
N ASP C 126 -8.11 42.97 -5.53
CA ASP C 126 -8.09 43.82 -4.35
C ASP C 126 -6.98 44.87 -4.48
N ALA C 127 -7.07 45.89 -3.61
CA ALA C 127 -6.06 46.95 -3.63
C ALA C 127 -4.70 46.43 -3.21
N GLU C 128 -4.65 45.63 -2.15
CA GLU C 128 -3.39 45.08 -1.67
C GLU C 128 -3.62 43.80 -0.87
N SER C 129 -4.65 43.79 -0.03
CA SER C 129 -4.98 42.63 0.78
C SER C 129 -6.32 42.86 1.46
N ARG C 130 -7.05 41.78 1.67
CA ARG C 130 -8.36 41.84 2.31
C ARG C 130 -8.23 41.75 3.83
N ILE C 131 -7.67 40.65 4.34
CA ILE C 131 -7.50 40.46 5.77
C ILE C 131 -6.26 41.20 6.22
N ILE C 132 -6.38 41.94 7.32
CA ILE C 132 -5.28 42.72 7.88
C ILE C 132 -5.16 42.36 9.36
N HIS C 133 -3.96 41.96 9.78
CA HIS C 133 -3.72 41.59 11.16
C HIS C 133 -2.22 41.62 11.46
N PRO C 134 -1.63 42.82 11.56
CA PRO C 134 -0.18 42.90 11.85
C PRO C 134 0.12 42.42 13.26
N LYS C 135 0.95 41.38 13.35
CA LYS C 135 1.33 40.81 14.63
C LYS C 135 2.59 41.50 15.14
N THR C 136 3.21 40.93 16.17
CA THR C 136 4.41 41.49 16.75
C THR C 136 5.62 41.13 15.89
N ASP C 137 6.81 41.56 16.34
CA ASP C 137 8.03 41.28 15.60
C ASP C 137 8.51 39.85 15.85
N ASP C 138 8.45 39.39 17.09
CA ASP C 138 8.89 38.03 17.40
C ASP C 138 8.04 36.99 16.68
N GLN C 139 6.72 37.18 16.70
CA GLN C 139 5.84 36.25 16.01
C GLN C 139 6.10 36.24 14.51
N ARG C 140 6.30 37.41 13.92
CA ARG C 140 6.59 37.49 12.49
C ARG C 140 7.90 36.79 12.16
N ASN C 141 8.93 37.00 12.99
CA ASN C 141 10.21 36.34 12.76
C ASN C 141 10.07 34.83 12.88
N ARG C 142 9.33 34.36 13.87
CA ARG C 142 9.12 32.92 14.03
C ARG C 142 8.38 32.34 12.83
N LEU C 143 7.35 33.03 12.35
CA LEU C 143 6.61 32.55 11.20
C LEU C 143 7.50 32.51 9.96
N GLN C 144 8.34 33.54 9.78
CA GLN C 144 9.25 33.55 8.64
C GLN C 144 10.25 32.40 8.72
N GLU C 145 10.80 32.16 9.92
CA GLU C 145 11.75 31.06 10.08
C GLU C 145 11.08 29.71 9.83
N ALA C 146 9.82 29.56 10.25
CA ALA C 146 9.12 28.30 10.03
C ALA C 146 8.77 28.11 8.56
N CYS C 147 8.45 29.20 7.84
CA CYS C 147 8.11 29.09 6.43
C CYS C 147 9.34 28.92 5.55
N LYS C 148 10.50 29.41 5.99
CA LYS C 148 11.71 29.26 5.18
C LYS C 148 12.05 27.79 4.97
N ASP C 149 11.65 26.91 5.88
CA ASP C 149 11.93 25.49 5.74
C ASP C 149 11.11 24.83 4.64
N ILE C 150 10.09 25.52 4.12
CA ILE C 150 9.26 24.96 3.06
C ILE C 150 9.94 25.16 1.71
N LEU C 151 9.71 24.24 0.79
CA LEU C 151 10.33 24.33 -0.53
C LEU C 151 9.76 25.48 -1.35
N LEU C 152 8.48 25.80 -1.17
CA LEU C 152 7.87 26.89 -1.92
C LEU C 152 8.49 28.23 -1.58
N PHE C 153 8.90 28.42 -0.33
CA PHE C 153 9.51 29.67 0.12
C PHE C 153 10.99 29.77 -0.18
N LYS C 154 11.54 28.86 -0.99
CA LYS C 154 12.96 28.90 -1.30
C LYS C 154 13.29 29.91 -2.39
N ASN C 155 12.36 30.15 -3.31
CA ASN C 155 12.58 31.08 -4.42
C ASN C 155 11.77 32.36 -4.30
N LEU C 156 10.84 32.44 -3.35
CA LEU C 156 10.04 33.65 -3.20
C LEU C 156 10.90 34.81 -2.71
N ASP C 157 10.54 36.02 -3.14
CA ASP C 157 11.25 37.23 -2.78
C ASP C 157 10.69 37.80 -1.48
N PRO C 158 11.42 38.70 -0.82
CA PRO C 158 10.89 39.32 0.40
C PRO C 158 9.57 40.03 0.22
N GLU C 159 9.28 40.53 -0.98
CA GLU C 159 8.02 41.24 -1.21
C GLU C 159 6.84 40.31 -1.01
N GLN C 160 6.86 39.14 -1.65
CA GLN C 160 5.76 38.20 -1.51
C GLN C 160 5.65 37.69 -0.07
N MET C 161 6.79 37.50 0.58
CA MET C 161 6.77 37.05 1.98
C MET C 161 6.07 38.09 2.86
N SER C 162 6.44 39.36 2.69
CA SER C 162 5.80 40.41 3.48
C SER C 162 4.32 40.53 3.15
N GLN C 163 3.96 40.36 1.88
CA GLN C 163 2.55 40.41 1.50
C GLN C 163 1.76 39.30 2.17
N VAL C 164 2.30 38.09 2.16
CA VAL C 164 1.62 36.96 2.79
C VAL C 164 1.53 37.17 4.30
N LEU C 165 2.59 37.72 4.90
CA LEU C 165 2.56 37.97 6.34
C LEU C 165 1.51 39.01 6.70
N ASP C 166 1.37 40.06 5.88
CA ASP C 166 0.36 41.08 6.15
C ASP C 166 -1.05 40.56 5.90
N ALA C 167 -1.22 39.68 4.91
CA ALA C 167 -2.51 39.11 4.59
C ALA C 167 -2.80 37.82 5.35
N MET C 168 -1.88 37.38 6.20
CA MET C 168 -2.10 36.14 6.95
C MET C 168 -3.30 36.29 7.87
N PHE C 169 -3.98 35.18 8.11
CA PHE C 169 -5.17 35.13 8.96
C PHE C 169 -4.91 34.24 10.16
N GLU C 170 -5.24 34.75 11.34
CA GLU C 170 -5.07 34.03 12.60
C GLU C 170 -6.42 33.56 13.12
N LYS C 171 -6.46 32.33 13.63
CA LYS C 171 -7.67 31.74 14.16
C LYS C 171 -7.38 31.15 15.53
N LEU C 172 -8.19 31.51 16.51
CA LEU C 172 -8.02 31.03 17.88
C LEU C 172 -8.90 29.79 18.08
N VAL C 173 -8.26 28.67 18.43
CA VAL C 173 -8.95 27.41 18.66
C VAL C 173 -8.87 27.08 20.14
N LYS C 174 -10.03 26.85 20.76
CA LYS C 174 -10.09 26.54 22.18
C LYS C 174 -9.98 25.02 22.37
N GLU C 175 -10.17 24.57 23.61
CA GLU C 175 -10.08 23.14 23.91
C GLU C 175 -11.38 22.44 23.55
N GLY C 176 -11.26 21.21 23.06
CA GLY C 176 -12.42 20.44 22.68
C GLY C 176 -13.17 20.95 21.46
N GLU C 177 -12.57 21.84 20.68
CA GLU C 177 -13.21 22.38 19.50
C GLU C 177 -12.96 21.48 18.30
N HIS C 178 -13.94 21.45 17.39
CA HIS C 178 -13.86 20.64 16.18
C HIS C 178 -14.54 21.37 15.04
N VAL C 179 -13.81 21.58 13.95
CA VAL C 179 -14.34 22.27 12.78
C VAL C 179 -14.01 21.47 11.53
N ILE C 180 -12.73 21.21 11.32
CA ILE C 180 -12.28 20.44 10.15
C ILE C 180 -12.56 18.96 10.39
N ASP C 181 -13.02 18.28 9.36
CA ASP C 181 -13.34 16.86 9.44
C ASP C 181 -12.99 16.20 8.11
N GLN C 182 -12.71 14.90 8.17
CA GLN C 182 -12.37 14.16 6.97
C GLN C 182 -13.61 13.96 6.10
N GLY C 183 -13.36 13.61 4.85
CA GLY C 183 -14.43 13.38 3.88
C GLY C 183 -14.89 14.62 3.15
N ASP C 184 -15.14 15.70 3.90
CA ASP C 184 -15.59 16.94 3.28
C ASP C 184 -14.47 17.56 2.44
N ASP C 185 -14.88 18.31 1.42
CA ASP C 185 -13.91 18.96 0.54
C ASP C 185 -13.11 19.99 1.31
N GLY C 186 -11.79 19.82 1.31
CA GLY C 186 -10.93 20.76 2.03
C GLY C 186 -10.95 22.13 1.38
N ASP C 187 -11.18 23.17 2.19
CA ASP C 187 -11.24 24.53 1.68
C ASP C 187 -10.56 25.52 2.64
N ASN C 188 -9.66 25.06 3.49
CA ASN C 188 -8.97 25.92 4.43
C ASN C 188 -7.58 25.37 4.70
N PHE C 189 -6.74 26.19 5.32
CA PHE C 189 -5.37 25.80 5.64
C PHE C 189 -4.88 26.65 6.80
N TYR C 190 -4.20 26.01 7.74
CA TYR C 190 -3.66 26.69 8.92
C TYR C 190 -2.32 26.08 9.28
N VAL C 191 -1.60 26.77 10.16
CA VAL C 191 -0.28 26.34 10.62
C VAL C 191 -0.25 26.47 12.13
N ILE C 192 0.17 25.39 12.80
CA ILE C 192 0.25 25.37 14.27
C ILE C 192 1.38 26.28 14.70
N ASP C 193 1.04 27.48 15.20
CA ASP C 193 2.07 28.41 15.64
C ASP C 193 2.68 27.98 16.97
N ARG C 194 1.90 27.32 17.83
CA ARG C 194 2.40 26.87 19.12
C ARG C 194 1.52 25.72 19.60
N GLY C 195 2.03 25.00 20.59
CA GLY C 195 1.32 23.87 21.15
C GLY C 195 1.60 22.59 20.41
N THR C 196 0.74 21.60 20.65
CA THR C 196 0.86 20.29 20.02
C THR C 196 -0.53 19.74 19.77
N PHE C 197 -0.78 19.30 18.53
CA PHE C 197 -2.07 18.76 18.13
C PHE C 197 -1.83 17.53 17.27
N ASP C 198 -2.29 16.37 17.73
CA ASP C 198 -2.13 15.14 16.98
C ASP C 198 -3.15 15.06 15.85
N ILE C 199 -2.70 14.65 14.67
CA ILE C 199 -3.54 14.51 13.50
C ILE C 199 -3.83 13.03 13.27
N TYR C 200 -5.08 12.71 12.99
CA TYR C 200 -5.53 11.35 12.75
C TYR C 200 -5.98 11.21 11.31
N VAL C 201 -5.46 10.19 10.63
CA VAL C 201 -5.79 9.92 9.23
C VAL C 201 -6.45 8.55 9.16
N LYS C 202 -7.44 8.43 8.28
CA LYS C 202 -8.15 7.17 8.11
C LYS C 202 -7.23 6.10 7.53
N CYS C 203 -7.45 4.85 7.97
CA CYS C 203 -6.66 3.72 7.51
C CYS C 203 -7.58 2.49 7.49
N ASP C 204 -8.42 2.41 6.46
CA ASP C 204 -9.36 1.31 6.30
C ASP C 204 -10.33 1.25 7.49
N GLY C 205 -10.99 2.38 7.72
CA GLY C 205 -11.94 2.48 8.81
C GLY C 205 -11.32 2.63 10.18
N VAL C 206 -10.06 3.10 10.26
CA VAL C 206 -9.36 3.29 11.52
C VAL C 206 -8.57 4.59 11.41
N GLY C 207 -8.95 5.59 12.20
CA GLY C 207 -8.28 6.87 12.18
C GLY C 207 -6.92 6.82 12.85
N ARG C 208 -5.94 6.20 12.19
CA ARG C 208 -4.61 6.10 12.75
C ARG C 208 -3.96 7.46 12.85
N CYS C 209 -3.07 7.60 13.84
CA CYS C 209 -2.37 8.85 14.06
C CYS C 209 -1.14 8.95 13.16
N VAL C 210 -0.70 10.19 12.92
CA VAL C 210 0.47 10.44 12.07
C VAL C 210 1.50 11.21 12.87
N GLY C 211 1.04 12.12 13.73
CA GLY C 211 1.93 12.91 14.55
C GLY C 211 1.35 14.28 14.80
N ASN C 212 2.20 15.15 15.37
CA ASN C 212 1.82 16.52 15.68
C ASN C 212 2.99 17.44 15.32
N TYR C 213 2.81 18.73 15.58
CA TYR C 213 3.83 19.72 15.30
C TYR C 213 3.97 20.65 16.50
N ASP C 214 5.13 21.31 16.58
CA ASP C 214 5.42 22.23 17.68
C ASP C 214 6.16 23.43 17.08
N ASN C 215 5.43 24.51 16.83
CA ASN C 215 5.99 25.73 16.27
C ASN C 215 6.66 25.46 14.92
N ARG C 216 6.05 24.58 14.14
CA ARG C 216 6.55 24.22 12.82
C ARG C 216 5.47 23.39 12.12
N GLY C 217 5.83 22.82 10.98
CA GLY C 217 4.89 22.00 10.23
C GLY C 217 3.89 22.84 9.44
N SER C 218 2.88 22.15 8.92
CA SER C 218 1.84 22.79 8.14
C SER C 218 0.71 21.82 7.84
N PHE C 219 -0.36 21.88 8.63
CA PHE C 219 -1.50 20.98 8.44
C PHE C 219 -2.21 21.33 7.14
N GLY C 220 -2.23 20.39 6.21
CA GLY C 220 -2.89 20.61 4.94
C GLY C 220 -2.10 21.45 3.96
N GLU C 221 -0.78 21.24 3.90
CA GLU C 221 0.04 22.03 2.97
C GLU C 221 -0.18 21.61 1.53
N LEU C 222 -0.51 20.33 1.29
CA LEU C 222 -0.72 19.84 -0.06
C LEU C 222 -2.10 20.22 -0.61
N ALA C 223 -3.06 20.50 0.27
CA ALA C 223 -4.39 20.87 -0.20
C ALA C 223 -4.36 22.11 -1.08
N LEU C 224 -3.41 23.01 -0.84
CA LEU C 224 -3.31 24.21 -1.65
C LEU C 224 -2.74 23.93 -3.04
N MET C 225 -2.08 22.80 -3.22
CA MET C 225 -1.50 22.46 -4.52
C MET C 225 -2.53 21.89 -5.50
N TYR C 226 -3.62 21.31 -4.99
CA TYR C 226 -4.66 20.76 -5.85
C TYR C 226 -5.90 20.50 -5.01
N ASN C 227 -7.05 20.59 -5.64
CA ASN C 227 -8.33 20.35 -4.97
C ASN C 227 -8.49 18.85 -4.73
N THR C 228 -8.65 18.46 -3.46
CA THR C 228 -8.81 17.07 -3.09
C THR C 228 -9.57 17.02 -1.77
N PRO C 229 -10.36 15.97 -1.53
CA PRO C 229 -11.05 15.85 -0.24
C PRO C 229 -10.10 15.87 0.93
N ARG C 230 -10.65 16.10 2.11
CA ARG C 230 -9.85 16.14 3.32
C ARG C 230 -9.23 14.78 3.60
N ALA C 231 -7.90 14.72 3.59
CA ALA C 231 -7.15 13.48 3.84
C ALA C 231 -6.50 13.49 5.21
N ALA C 232 -7.14 14.12 6.19
CA ALA C 232 -6.61 14.19 7.55
C ALA C 232 -7.73 14.64 8.47
N THR C 233 -7.44 14.62 9.77
CA THR C 233 -8.41 15.02 10.78
C THR C 233 -7.67 15.66 11.94
N ILE C 234 -8.01 16.90 12.27
CA ILE C 234 -7.38 17.64 13.35
C ILE C 234 -8.29 17.59 14.57
N THR C 235 -7.69 17.69 15.75
CA THR C 235 -8.43 17.65 17.01
C THR C 235 -7.81 18.65 17.97
N ALA C 236 -8.65 19.31 18.76
CA ALA C 236 -8.19 20.29 19.72
C ALA C 236 -7.57 19.60 20.94
N THR C 237 -6.78 20.37 21.69
CA THR C 237 -6.12 19.85 22.88
C THR C 237 -6.06 20.94 23.96
N SER C 238 -5.68 22.15 23.57
CA SER C 238 -5.57 23.27 24.50
C SER C 238 -5.75 24.55 23.71
N PRO C 239 -6.04 25.66 24.38
CA PRO C 239 -6.17 26.94 23.67
C PRO C 239 -4.92 27.30 22.90
N GLY C 240 -5.09 27.66 21.63
CA GLY C 240 -3.96 28.03 20.79
C GLY C 240 -4.41 28.90 19.64
N ALA C 241 -3.43 29.33 18.85
CA ALA C 241 -3.67 30.17 17.69
C ALA C 241 -2.96 29.57 16.49
N LEU C 242 -3.67 29.53 15.36
CA LEU C 242 -3.14 28.98 14.11
C LEU C 242 -3.14 30.08 13.05
N TRP C 243 -2.00 30.23 12.37
CA TRP C 243 -1.84 31.21 11.32
C TRP C 243 -1.86 30.53 9.96
N GLY C 244 -2.54 31.15 8.99
CA GLY C 244 -2.62 30.59 7.67
C GLY C 244 -3.60 31.37 6.81
N LEU C 245 -3.86 30.83 5.63
CA LEU C 245 -4.76 31.45 4.68
C LEU C 245 -5.49 30.36 3.91
N ASP C 246 -6.74 30.64 3.54
CA ASP C 246 -7.53 29.69 2.79
C ASP C 246 -6.93 29.50 1.39
N ARG C 247 -7.46 28.51 0.67
CA ARG C 247 -6.92 28.18 -0.64
C ARG C 247 -7.30 29.22 -1.68
N VAL C 248 -8.51 29.76 -1.58
CA VAL C 248 -8.99 30.72 -2.58
C VAL C 248 -8.08 31.94 -2.62
N THR C 249 -7.90 32.59 -1.47
CA THR C 249 -7.11 33.82 -1.44
C THR C 249 -5.64 33.53 -1.76
N PHE C 250 -5.11 32.41 -1.27
CA PHE C 250 -3.72 32.07 -1.55
C PHE C 250 -3.50 31.89 -3.04
N ARG C 251 -4.37 31.11 -3.70
CA ARG C 251 -4.24 30.90 -5.13
C ARG C 251 -4.41 32.21 -5.90
N ARG C 252 -5.36 33.05 -5.46
CA ARG C 252 -5.56 34.34 -6.13
C ARG C 252 -4.31 35.19 -6.05
N ILE C 253 -3.71 35.29 -4.87
CA ILE C 253 -2.51 36.10 -4.70
C ILE C 253 -1.36 35.53 -5.51
N ILE C 254 -1.23 34.19 -5.53
CA ILE C 254 -0.14 33.57 -6.28
C ILE C 254 -0.28 33.86 -7.77
N VAL C 255 -1.51 33.72 -8.30
CA VAL C 255 -1.72 33.95 -9.72
C VAL C 255 -1.52 35.42 -10.05
N LYS C 256 -1.95 36.31 -9.16
CA LYS C 256 -1.74 37.75 -9.39
C LYS C 256 -0.25 38.08 -9.44
N ASN C 257 0.52 37.54 -8.50
CA ASN C 257 1.96 37.79 -8.51
C ASN C 257 2.60 37.22 -9.76
N ASN C 258 2.18 36.02 -10.18
CA ASN C 258 2.74 35.43 -11.39
C ASN C 258 2.44 36.29 -12.61
N ALA C 259 1.19 36.75 -12.74
CA ALA C 259 0.83 37.59 -13.88
C ALA C 259 1.59 38.90 -13.85
N LYS C 260 1.77 39.50 -12.67
CA LYS C 260 2.51 40.75 -12.57
C LYS C 260 3.96 40.56 -12.97
N LYS C 261 4.58 39.44 -12.54
CA LYS C 261 5.97 39.20 -12.89
C LYS C 261 6.11 38.85 -14.37
N ARG C 262 5.07 38.28 -14.98
CA ARG C 262 5.16 37.89 -16.38
C ARG C 262 4.92 39.07 -17.32
N LYS C 263 3.97 39.94 -16.97
CA LYS C 263 3.60 41.06 -17.84
C LYS C 263 4.49 42.28 -17.61
N MET C 264 4.94 42.51 -16.39
CA MET C 264 5.73 43.71 -16.16
C MET C 264 7.04 43.74 -16.97
N TYR C 265 7.74 42.61 -17.03
CA TYR C 265 9.06 42.58 -17.69
C TYR C 265 9.19 42.84 -19.19
N ILE D 104 1.71 9.26 6.60
CA ILE D 104 3.09 8.85 6.25
C ILE D 104 3.06 7.58 5.41
N ASN D 105 2.18 6.65 5.79
CA ASN D 105 2.05 5.39 5.07
C ASN D 105 0.68 4.80 5.37
N ARG D 106 0.23 3.92 4.48
CA ARG D 106 -1.08 3.29 4.65
C ARG D 106 -1.10 2.36 5.86
N PHE D 107 0.04 1.77 6.21
CA PHE D 107 0.14 0.87 7.35
C PHE D 107 -0.82 -0.30 7.19
N THR D 108 -0.37 -1.37 6.55
CA THR D 108 -1.21 -2.54 6.36
C THR D 108 -1.38 -3.30 7.67
N ARG D 109 -2.43 -4.12 7.72
CA ARG D 109 -2.72 -4.90 8.91
C ARG D 109 -1.67 -6.00 9.08
N ARG D 110 -1.70 -6.64 10.25
CA ARG D 110 -0.77 -7.72 10.59
C ARG D 110 -1.58 -8.85 11.24
N ALA D 111 -2.43 -9.48 10.44
CA ALA D 111 -3.26 -10.58 10.94
C ALA D 111 -2.40 -11.81 11.20
N SER D 112 -2.92 -12.69 12.06
CA SER D 112 -2.21 -13.92 12.39
C SER D 112 -2.17 -14.84 11.18
N VAL D 113 -1.37 -15.91 11.31
CA VAL D 113 -1.22 -16.89 10.24
C VAL D 113 -1.23 -18.29 10.83
N CYS D 114 -2.07 -18.49 11.85
CA CYS D 114 -2.19 -19.80 12.47
C CYS D 114 -2.77 -20.80 11.48
N ALA D 115 -2.63 -22.09 11.83
CA ALA D 115 -3.13 -23.17 10.99
C ALA D 115 -3.28 -24.41 11.86
N GLU D 116 -3.67 -25.52 11.23
CA GLU D 116 -3.84 -26.77 11.94
C GLU D 116 -2.51 -27.24 12.48
N ALA D 117 -2.43 -27.40 13.81
CA ALA D 117 -1.21 -27.85 14.47
C ALA D 117 -1.06 -29.35 14.24
N TYR D 118 -0.33 -29.71 13.19
CA TYR D 118 -0.10 -31.10 12.84
C TYR D 118 0.95 -31.68 13.80
N ASN D 119 0.50 -32.51 14.74
CA ASN D 119 1.39 -33.12 15.72
C ASN D 119 1.52 -34.61 15.43
N PRO D 120 2.38 -35.01 14.48
CA PRO D 120 2.51 -36.45 14.18
C PRO D 120 3.11 -37.23 15.34
N ASP D 121 2.24 -37.74 16.22
CA ASP D 121 2.68 -38.51 17.37
C ASP D 121 1.61 -39.51 17.78
N GLU D 122 0.38 -39.04 17.95
CA GLU D 122 -0.74 -39.90 18.33
C GLU D 122 -2.03 -39.49 17.63
N GLU D 123 -1.92 -38.84 16.48
CA GLU D 123 -3.08 -38.38 15.71
C GLU D 123 -3.45 -39.40 14.65
N GLU D 124 -4.71 -39.37 14.25
CA GLU D 124 -5.23 -40.28 13.23
C GLU D 124 -5.06 -41.73 13.68
N ASP D 125 -5.33 -42.68 12.77
CA ASP D 125 -5.19 -44.09 13.08
C ASP D 125 -4.34 -44.78 12.02
N ASP D 126 -4.46 -44.35 10.76
CA ASP D 126 -3.70 -44.95 9.68
C ASP D 126 -2.20 -44.64 9.85
N ALA D 127 -1.39 -45.33 9.06
CA ALA D 127 0.05 -45.15 9.11
C ALA D 127 0.63 -45.49 7.74
N GLU D 128 1.69 -44.77 7.36
CA GLU D 128 2.37 -44.98 6.08
C GLU D 128 1.39 -44.80 4.92
N SER D 129 0.50 -43.82 5.04
CA SER D 129 -0.50 -43.54 4.00
C SER D 129 0.15 -42.62 2.95
N ARG D 130 0.99 -43.23 2.12
CA ARG D 130 1.67 -42.48 1.07
C ARG D 130 0.75 -42.19 -0.10
N ILE D 131 0.09 -43.22 -0.62
CA ILE D 131 -0.82 -43.07 -1.75
C ILE D 131 -0.04 -42.53 -2.95
N ILE D 132 0.84 -43.36 -3.50
CA ILE D 132 1.66 -42.96 -4.64
C ILE D 132 0.83 -43.03 -5.91
N HIS D 133 1.09 -42.10 -6.83
CA HIS D 133 0.38 -42.02 -8.11
C HIS D 133 1.41 -41.90 -9.22
N PRO D 134 1.97 -43.01 -9.68
CA PRO D 134 3.00 -42.94 -10.73
C PRO D 134 2.41 -42.49 -12.06
N LYS D 135 3.30 -42.04 -12.93
CA LYS D 135 2.91 -41.56 -14.25
C LYS D 135 4.06 -41.86 -15.21
N THR D 136 4.04 -41.21 -16.38
CA THR D 136 5.09 -41.43 -17.37
C THR D 136 6.42 -40.87 -16.87
N ASP D 137 7.48 -41.20 -17.59
CA ASP D 137 8.83 -40.75 -17.23
C ASP D 137 9.15 -39.38 -17.83
N ASP D 138 8.64 -39.10 -19.03
CA ASP D 138 8.91 -37.81 -19.65
C ASP D 138 8.31 -36.67 -18.84
N GLN D 139 7.07 -36.86 -18.34
CA GLN D 139 6.44 -35.82 -17.54
C GLN D 139 7.24 -35.56 -16.25
N ARG D 140 7.68 -36.63 -15.59
CA ARG D 140 8.46 -36.46 -14.37
C ARG D 140 9.79 -35.76 -14.66
N ASN D 141 10.45 -36.13 -15.77
CA ASN D 141 11.71 -35.50 -16.12
C ASN D 141 11.51 -34.02 -16.43
N ARG D 142 10.41 -33.67 -17.09
CA ARG D 142 10.15 -32.27 -17.40
C ARG D 142 9.76 -31.48 -16.16
N LEU D 143 9.07 -32.10 -15.21
CA LEU D 143 8.67 -31.41 -13.99
C LEU D 143 9.84 -31.26 -13.01
N GLN D 144 10.80 -32.18 -13.05
CA GLN D 144 11.95 -32.07 -12.14
C GLN D 144 12.77 -30.83 -12.42
N GLU D 145 12.85 -30.39 -13.69
CA GLU D 145 13.61 -29.20 -14.02
C GLU D 145 13.11 -28.00 -13.24
N ALA D 146 11.79 -27.89 -13.06
CA ALA D 146 11.21 -26.79 -12.30
C ALA D 146 11.15 -27.09 -10.81
N CYS D 147 11.04 -28.36 -10.42
CA CYS D 147 10.97 -28.72 -9.02
C CYS D 147 12.32 -28.58 -8.32
N LYS D 148 13.42 -28.66 -9.06
CA LYS D 148 14.76 -28.53 -8.51
C LYS D 148 15.23 -27.08 -8.41
N ASP D 149 14.31 -26.15 -8.15
CA ASP D 149 14.69 -24.74 -8.05
C ASP D 149 13.83 -23.96 -7.06
N ILE D 150 12.88 -24.59 -6.38
CA ILE D 150 12.02 -23.90 -5.42
C ILE D 150 12.71 -23.85 -4.07
N LEU D 151 12.35 -22.85 -3.27
CA LEU D 151 12.97 -22.70 -1.95
C LEU D 151 12.69 -23.92 -1.08
N LEU D 152 11.55 -24.58 -1.26
CA LEU D 152 11.23 -25.75 -0.45
C LEU D 152 12.05 -26.95 -0.88
N PHE D 153 12.36 -27.07 -2.17
CA PHE D 153 13.13 -28.20 -2.69
C PHE D 153 14.62 -27.91 -2.81
N LYS D 154 15.03 -26.64 -2.64
CA LYS D 154 16.45 -26.33 -2.75
C LYS D 154 17.26 -27.00 -1.65
N ASN D 155 16.65 -27.26 -0.49
CA ASN D 155 17.30 -27.91 0.65
C ASN D 155 16.35 -28.98 1.18
N LEU D 156 16.35 -30.14 0.53
CA LEU D 156 15.49 -31.24 0.92
C LEU D 156 16.18 -32.56 0.60
N ASP D 157 15.83 -33.59 1.35
CA ASP D 157 16.43 -34.90 1.13
C ASP D 157 15.97 -35.45 -0.22
N PRO D 158 16.84 -36.15 -0.96
CA PRO D 158 16.40 -36.74 -2.22
C PRO D 158 15.20 -37.66 -2.10
N GLU D 159 15.07 -38.37 -0.98
CA GLU D 159 13.93 -39.26 -0.80
C GLU D 159 12.62 -38.48 -0.78
N GLN D 160 12.58 -37.37 -0.06
CA GLN D 160 11.37 -36.56 0.00
C GLN D 160 11.03 -35.99 -1.38
N MET D 161 12.05 -35.52 -2.11
CA MET D 161 11.81 -34.99 -3.45
C MET D 161 11.25 -36.07 -4.37
N SER D 162 11.82 -37.27 -4.32
CA SER D 162 11.33 -38.36 -5.15
C SER D 162 9.89 -38.73 -4.78
N GLN D 163 9.59 -38.77 -3.47
CA GLN D 163 8.23 -39.08 -3.05
C GLN D 163 7.25 -38.02 -3.54
N VAL D 164 7.62 -36.74 -3.45
CA VAL D 164 6.75 -35.67 -3.91
C VAL D 164 6.55 -35.76 -5.42
N LEU D 165 7.60 -36.08 -6.16
CA LEU D 165 7.48 -36.19 -7.61
C LEU D 165 6.61 -37.39 -7.99
N ASP D 166 6.68 -38.48 -7.23
CA ASP D 166 5.87 -39.65 -7.53
C ASP D 166 4.41 -39.39 -7.19
N ALA D 167 4.14 -38.77 -6.05
CA ALA D 167 2.77 -38.49 -5.62
C ALA D 167 2.29 -37.22 -6.32
N MET D 168 1.38 -37.39 -7.27
CA MET D 168 0.83 -36.25 -8.01
C MET D 168 -0.44 -36.68 -8.71
N PHE D 169 -1.44 -35.80 -8.69
CA PHE D 169 -2.74 -36.05 -9.33
C PHE D 169 -2.96 -35.04 -10.44
N GLU D 170 -3.43 -35.53 -11.58
CA GLU D 170 -3.68 -34.71 -12.75
C GLU D 170 -5.17 -34.38 -12.85
N LYS D 171 -5.46 -33.22 -13.43
CA LYS D 171 -6.83 -32.76 -13.62
C LYS D 171 -6.92 -32.04 -14.96
N LEU D 172 -7.83 -32.50 -15.81
CA LEU D 172 -8.03 -31.90 -17.13
C LEU D 172 -9.01 -30.75 -17.01
N VAL D 173 -8.55 -29.54 -17.35
CA VAL D 173 -9.37 -28.33 -17.29
C VAL D 173 -9.55 -27.81 -18.72
N LYS D 174 -10.80 -27.61 -19.11
CA LYS D 174 -11.12 -27.13 -20.45
C LYS D 174 -11.11 -25.60 -20.45
N GLU D 175 -11.48 -25.00 -21.58
CA GLU D 175 -11.52 -23.55 -21.69
C GLU D 175 -12.78 -23.00 -21.04
N GLY D 176 -12.60 -22.00 -20.18
CA GLY D 176 -13.72 -21.39 -19.50
C GLY D 176 -14.24 -22.24 -18.36
N GLU D 177 -13.59 -22.16 -17.20
CA GLU D 177 -14.01 -22.93 -16.03
C GLU D 177 -13.47 -22.22 -14.79
N HIS D 178 -14.37 -21.66 -13.98
CA HIS D 178 -13.99 -20.95 -12.76
C HIS D 178 -13.90 -21.96 -11.62
N VAL D 179 -12.81 -22.72 -11.62
CA VAL D 179 -12.61 -23.73 -10.59
C VAL D 179 -12.19 -23.09 -9.28
N ILE D 180 -11.47 -21.96 -9.34
CA ILE D 180 -11.00 -21.25 -8.15
C ILE D 180 -11.43 -19.80 -8.27
N ASP D 181 -11.90 -19.22 -7.16
CA ASP D 181 -12.34 -17.84 -7.12
C ASP D 181 -11.92 -17.22 -5.80
N GLN D 182 -11.57 -15.93 -5.85
CA GLN D 182 -11.14 -15.21 -4.66
C GLN D 182 -12.32 -15.09 -3.70
N GLY D 183 -12.27 -15.82 -2.59
CA GLY D 183 -13.33 -15.78 -1.60
C GLY D 183 -13.28 -16.95 -0.64
N ASP D 184 -13.28 -18.17 -1.18
CA ASP D 184 -13.23 -19.37 -0.36
C ASP D 184 -11.82 -19.60 0.17
N ASP D 185 -11.72 -20.56 1.10
CA ASP D 185 -10.43 -20.88 1.68
C ASP D 185 -9.54 -21.61 0.68
N GLY D 186 -8.22 -21.47 0.80
CA GLY D 186 -7.33 -22.14 -0.15
C GLY D 186 -6.51 -23.29 0.41
N ASP D 187 -6.71 -24.49 -0.13
CA ASP D 187 -5.97 -25.67 0.29
C ASP D 187 -5.21 -26.44 -0.82
N ASN D 188 -5.08 -25.89 -2.01
CA ASN D 188 -4.41 -26.62 -3.10
C ASN D 188 -3.20 -25.92 -3.75
N PHE D 189 -2.25 -26.74 -4.22
CA PHE D 189 -1.04 -26.23 -4.85
C PHE D 189 -1.07 -26.61 -6.32
N TYR D 190 -1.30 -25.63 -7.19
CA TYR D 190 -1.36 -25.86 -8.62
C TYR D 190 0.00 -25.57 -9.25
N VAL D 191 0.50 -26.53 -10.03
CA VAL D 191 1.78 -26.42 -10.71
C VAL D 191 1.55 -26.01 -12.15
N ILE D 192 2.44 -25.18 -12.69
CA ILE D 192 2.33 -24.69 -14.07
C ILE D 192 2.89 -25.79 -14.97
N ASP D 193 2.00 -26.63 -15.50
CA ASP D 193 2.40 -27.72 -16.39
C ASP D 193 2.44 -27.26 -17.85
N ARG D 194 1.28 -26.87 -18.38
CA ARG D 194 1.20 -26.42 -19.77
C ARG D 194 -0.12 -25.67 -19.95
N GLY D 195 -0.13 -24.81 -20.96
CA GLY D 195 -1.31 -24.03 -21.27
C GLY D 195 -1.27 -22.66 -20.63
N THR D 196 -1.91 -21.69 -21.29
CA THR D 196 -1.95 -20.32 -20.80
C THR D 196 -3.02 -20.18 -19.73
N PHE D 197 -2.63 -19.62 -18.59
CA PHE D 197 -3.54 -19.40 -17.47
C PHE D 197 -3.37 -17.98 -16.98
N ASP D 198 -4.48 -17.23 -16.96
CA ASP D 198 -4.47 -15.84 -16.51
C ASP D 198 -4.80 -15.76 -15.03
N ILE D 199 -4.05 -14.93 -14.32
CA ILE D 199 -4.22 -14.73 -12.88
C ILE D 199 -4.90 -13.37 -12.70
N TYR D 200 -6.22 -13.38 -12.54
CA TYR D 200 -7.00 -12.17 -12.35
C TYR D 200 -7.31 -12.02 -10.86
N VAL D 201 -6.68 -11.04 -10.22
CA VAL D 201 -6.87 -10.78 -8.80
C VAL D 201 -7.95 -9.71 -8.63
N LYS D 202 -8.80 -9.90 -7.63
CA LYS D 202 -9.89 -8.95 -7.35
C LYS D 202 -9.37 -7.85 -6.41
N CYS D 203 -8.54 -6.98 -6.98
CA CYS D 203 -7.96 -5.88 -6.23
C CYS D 203 -9.05 -4.92 -5.76
N ASP D 204 -9.50 -5.08 -4.52
CA ASP D 204 -10.55 -4.23 -3.95
C ASP D 204 -11.84 -4.36 -4.75
N GLY D 205 -12.16 -5.58 -5.18
CA GLY D 205 -13.35 -5.82 -5.95
C GLY D 205 -13.23 -5.49 -7.42
N VAL D 206 -12.02 -5.35 -7.93
CA VAL D 206 -11.77 -5.04 -9.34
C VAL D 206 -10.80 -6.08 -9.89
N GLY D 207 -11.18 -6.69 -11.01
CA GLY D 207 -10.33 -7.69 -11.63
C GLY D 207 -9.17 -7.06 -12.38
N ARG D 208 -7.99 -7.65 -12.19
CA ARG D 208 -6.78 -7.16 -12.84
C ARG D 208 -5.82 -8.32 -13.04
N CYS D 209 -5.27 -8.45 -14.24
CA CYS D 209 -4.34 -9.52 -14.53
C CYS D 209 -3.01 -9.29 -13.81
N VAL D 210 -2.59 -10.28 -13.03
CA VAL D 210 -1.35 -10.19 -12.28
C VAL D 210 -0.20 -10.66 -13.15
N GLY D 211 -0.24 -11.93 -13.56
CA GLY D 211 0.80 -12.50 -14.39
C GLY D 211 0.40 -13.79 -15.05
N ASN D 212 0.24 -13.77 -16.36
CA ASN D 212 -0.16 -14.97 -17.10
C ASN D 212 0.97 -15.99 -17.08
N TYR D 213 0.61 -17.24 -16.82
CA TYR D 213 1.55 -18.35 -16.77
C TYR D 213 1.37 -19.25 -17.99
N ASP D 214 2.46 -19.51 -18.69
CA ASP D 214 2.45 -20.36 -19.89
C ASP D 214 3.67 -21.29 -19.81
N ASN D 215 3.44 -22.49 -19.27
CA ASN D 215 4.49 -23.49 -19.12
C ASN D 215 5.79 -22.88 -18.64
N ARG D 216 5.71 -21.94 -17.70
CA ARG D 216 6.90 -21.28 -17.17
C ARG D 216 6.55 -20.63 -15.84
N GLY D 217 7.53 -20.57 -14.94
CA GLY D 217 7.34 -19.98 -13.64
C GLY D 217 6.82 -20.96 -12.62
N SER D 218 6.50 -20.43 -11.45
CA SER D 218 6.00 -21.23 -10.35
C SER D 218 5.13 -20.35 -9.45
N PHE D 219 3.99 -20.89 -9.02
CA PHE D 219 3.07 -20.15 -8.16
C PHE D 219 2.26 -21.16 -7.35
N GLY D 220 1.51 -20.63 -6.38
CA GLY D 220 0.68 -21.44 -5.53
C GLY D 220 1.36 -21.99 -4.30
N GLU D 221 2.69 -21.86 -4.20
CA GLU D 221 3.40 -22.37 -3.04
C GLU D 221 2.99 -21.64 -1.77
N LEU D 222 2.55 -20.38 -1.89
CA LEU D 222 2.15 -19.63 -0.70
C LEU D 222 1.03 -20.33 0.06
N ALA D 223 0.12 -20.99 -0.68
CA ALA D 223 -0.97 -21.72 -0.02
C ALA D 223 -0.44 -22.80 0.91
N LEU D 224 0.74 -23.35 0.62
CA LEU D 224 1.34 -24.37 1.46
C LEU D 224 2.08 -23.78 2.66
N MET D 225 2.24 -22.46 2.72
CA MET D 225 2.95 -21.86 3.85
C MET D 225 2.07 -21.79 5.09
N TYR D 226 0.80 -21.40 4.93
CA TYR D 226 -0.12 -21.28 6.05
C TYR D 226 -1.54 -21.24 5.49
N ASN D 227 -2.51 -21.14 6.39
CA ASN D 227 -3.92 -21.06 6.00
C ASN D 227 -4.20 -19.69 5.39
N THR D 228 -4.39 -19.66 4.07
CA THR D 228 -4.66 -18.42 3.36
C THR D 228 -5.72 -18.69 2.30
N PRO D 229 -6.63 -17.73 2.05
CA PRO D 229 -7.65 -17.94 1.02
C PRO D 229 -7.07 -18.02 -0.38
N ARG D 230 -7.93 -18.11 -1.39
CA ARG D 230 -7.46 -18.20 -2.77
C ARG D 230 -6.68 -16.93 -3.14
N ALA D 231 -5.54 -17.13 -3.80
CA ALA D 231 -4.72 -15.99 -4.20
C ALA D 231 -5.45 -15.11 -5.21
N ALA D 232 -5.94 -15.70 -6.30
CA ALA D 232 -6.64 -14.96 -7.33
C ALA D 232 -7.35 -15.98 -8.23
N THR D 233 -8.11 -15.46 -9.19
CA THR D 233 -8.84 -16.31 -10.11
C THR D 233 -7.92 -16.81 -11.21
N ILE D 234 -7.89 -18.12 -11.40
CA ILE D 234 -7.04 -18.76 -12.41
C ILE D 234 -7.95 -19.11 -13.59
N THR D 235 -7.97 -18.24 -14.60
CA THR D 235 -8.80 -18.45 -15.78
C THR D 235 -8.01 -19.22 -16.84
N ALA D 236 -8.58 -20.32 -17.31
CA ALA D 236 -7.94 -21.15 -18.33
C ALA D 236 -8.36 -20.67 -19.71
N THR D 237 -7.39 -20.17 -20.47
CA THR D 237 -7.67 -19.67 -21.81
C THR D 237 -7.85 -20.80 -22.83
N SER D 238 -7.32 -21.98 -22.55
CA SER D 238 -7.44 -23.11 -23.47
C SER D 238 -7.36 -24.38 -22.64
N PRO D 239 -7.72 -25.52 -23.23
CA PRO D 239 -7.63 -26.79 -22.51
C PRO D 239 -6.22 -27.08 -22.02
N GLY D 240 -6.13 -27.93 -21.00
CA GLY D 240 -4.84 -28.28 -20.44
C GLY D 240 -5.02 -29.29 -19.32
N ALA D 241 -3.89 -29.72 -18.78
CA ALA D 241 -3.85 -30.69 -17.69
C ALA D 241 -2.99 -30.12 -16.57
N LEU D 242 -3.62 -29.75 -15.46
CA LEU D 242 -2.94 -29.18 -14.31
C LEU D 242 -2.70 -30.25 -13.25
N TRP D 243 -1.90 -29.89 -12.26
CA TRP D 243 -1.56 -30.78 -11.15
C TRP D 243 -2.28 -30.29 -9.89
N GLY D 244 -3.16 -31.14 -9.36
CA GLY D 244 -3.91 -30.80 -8.17
C GLY D 244 -3.34 -31.43 -6.92
N LEU D 245 -2.35 -30.77 -6.32
CA LEU D 245 -1.71 -31.25 -5.10
C LEU D 245 -2.36 -30.56 -3.90
N ASP D 246 -3.03 -31.34 -3.07
CA ASP D 246 -3.69 -30.79 -1.89
C ASP D 246 -2.67 -30.48 -0.80
N ARG D 247 -3.09 -29.63 0.15
CA ARG D 247 -2.20 -29.25 1.25
C ARG D 247 -2.05 -30.39 2.24
N VAL D 248 -3.08 -31.21 2.43
CA VAL D 248 -3.00 -32.21 3.48
C VAL D 248 -1.82 -33.17 3.33
N THR D 249 -1.58 -33.62 2.10
CA THR D 249 -0.49 -34.55 1.83
C THR D 249 0.93 -34.03 2.09
N PHE D 250 1.20 -32.77 1.74
CA PHE D 250 2.55 -32.23 1.85
C PHE D 250 3.21 -32.15 3.23
N ARG D 251 2.49 -31.66 4.24
CA ARG D 251 3.09 -31.55 5.57
C ARG D 251 3.22 -32.94 6.21
N ARG D 252 2.25 -33.83 5.98
CA ARG D 252 2.25 -35.12 6.69
C ARG D 252 3.46 -36.04 6.48
N ILE D 253 3.89 -36.29 5.25
CA ILE D 253 5.10 -37.07 5.05
C ILE D 253 6.34 -36.21 5.27
N ILE D 254 6.27 -34.93 4.92
CA ILE D 254 7.46 -34.08 5.02
C ILE D 254 7.88 -33.91 6.48
N VAL D 255 6.95 -34.03 7.42
CA VAL D 255 7.28 -33.93 8.83
C VAL D 255 7.52 -35.32 9.39
N LYS D 256 6.82 -36.33 8.85
CA LYS D 256 6.99 -37.69 9.34
C LYS D 256 8.39 -38.21 9.06
N ASN D 257 8.94 -37.92 7.88
CA ASN D 257 10.29 -38.35 7.56
C ASN D 257 11.30 -37.70 8.48
N ASN D 258 11.16 -36.40 8.75
CA ASN D 258 12.07 -35.72 9.65
C ASN D 258 11.98 -36.28 11.06
N ALA D 259 10.75 -36.55 11.53
CA ALA D 259 10.59 -37.12 12.86
C ALA D 259 11.23 -38.49 12.96
N LYS D 260 11.04 -39.33 11.93
CA LYS D 260 11.64 -40.65 11.95
C LYS D 260 13.16 -40.57 11.92
N LYS D 261 13.71 -39.65 11.12
CA LYS D 261 15.15 -39.50 11.06
C LYS D 261 15.72 -39.01 12.39
N ARG D 262 15.01 -38.09 13.06
CA ARG D 262 15.48 -37.61 14.35
C ARG D 262 15.35 -38.67 15.43
N LYS D 263 14.35 -39.55 15.33
CA LYS D 263 14.18 -40.60 16.31
C LYS D 263 15.20 -41.72 16.13
N MET D 264 15.53 -42.04 14.87
CA MET D 264 16.50 -43.10 14.59
C MET D 264 17.93 -42.55 14.55
N TYR D 265 18.20 -41.65 13.61
CA TYR D 265 19.52 -41.06 13.48
C TYR D 265 19.86 -40.19 14.68
#